data_4CT9
#
_entry.id   4CT9
#
_cell.length_a   73.190
_cell.length_b   93.790
_cell.length_c   132.970
_cell.angle_alpha   90.00
_cell.angle_beta   90.00
_cell.angle_gamma   90.00
#
_symmetry.space_group_name_H-M   'P 21 21 21'
#
loop_
_entity.id
_entity.type
_entity.pdbx_description
1 polymer 'CINA-LIKE PROTEIN'
2 non-polymer 'ADENOSINE MONOPHOSPHATE'
3 non-polymer 'SULFATE ION'
4 non-polymer GLYCEROL
5 non-polymer 'SODIUM ION'
6 water water
#
_entity_poly.entity_id   1
_entity_poly.type   'polypeptide(L)'
_entity_poly.pdbx_seq_one_letter_code
;MERAEILGVGTELLYGETLDTNTAEIARSLKPYALKVERTLRVADEVAPLAREVEEAFARARLVVLSGGLGPTPDDVTRE
AVALALGEPLELDEAVLGEIEAFFRARGRAMPEANRKQAMRIPSATWLKNPRGTAPGWWVRKGGKDLVLLPGPPPEWRPM
WQEVLPRLGLPRRPYAERVLKTWGIGESEIVERLGPLFVREEEVEVGTYPKVHGVEVVVRGREDRVAELAERIKKKLLKE
VWGEGEMTLAEAVKRRMEREGATLSTMESLTGGLLGAEITRVPGASRFYLGGVVSYSVGAKARFGVPQDLLSRTVSAETA
RAMAEAARSLFGSTYALATTGVAGPDPLEGEPPGTVYVALAGPTGAEVRRYRFPGDRETVRLRSVYAALALLVT
;
_entity_poly.pdbx_strand_id   A,B
#
loop_
_chem_comp.id
_chem_comp.type
_chem_comp.name
_chem_comp.formula
AMP non-polymer 'ADENOSINE MONOPHOSPHATE' 'C10 H14 N5 O7 P'
GOL non-polymer GLYCEROL 'C3 H8 O3'
NA non-polymer 'SODIUM ION' 'Na 1'
SO4 non-polymer 'SULFATE ION' 'O4 S -2'
#
# COMPACT_ATOMS: atom_id res chain seq x y z
N MET A 1 20.73 -2.56 -26.10
CA MET A 1 20.77 -3.19 -24.73
C MET A 1 19.80 -4.38 -24.66
N GLU A 2 20.30 -5.55 -24.29
CA GLU A 2 19.48 -6.76 -24.31
C GLU A 2 18.54 -6.86 -23.09
N ARG A 3 17.57 -7.76 -23.13
CA ARG A 3 16.58 -7.90 -22.07
C ARG A 3 16.92 -8.94 -20.99
N ALA A 4 16.41 -8.69 -19.80
CA ALA A 4 16.31 -9.72 -18.77
C ALA A 4 14.84 -9.90 -18.51
N GLU A 5 14.41 -11.15 -18.50
CA GLU A 5 13.03 -11.47 -18.23
C GLU A 5 13.00 -12.17 -16.89
N ILE A 6 11.98 -11.87 -16.10
CA ILE A 6 11.88 -12.41 -14.78
C ILE A 6 10.49 -12.99 -14.61
N LEU A 7 10.42 -14.25 -14.18
CA LEU A 7 9.13 -14.93 -14.04
C LEU A 7 8.95 -15.55 -12.67
N GLY A 8 7.98 -15.09 -11.90
CA GLY A 8 7.63 -15.79 -10.65
C GLY A 8 6.52 -16.80 -10.87
N VAL A 9 6.76 -18.04 -10.48
CA VAL A 9 5.85 -19.14 -10.77
C VAL A 9 5.04 -19.48 -9.55
N GLY A 10 3.74 -19.65 -9.73
CA GLY A 10 2.87 -20.00 -8.63
C GLY A 10 1.53 -19.32 -8.71
N THR A 11 0.47 -20.12 -8.75
CA THR A 11 -0.88 -19.60 -8.87
C THR A 11 -1.20 -18.59 -7.78
N GLU A 12 -0.72 -18.86 -6.59
CA GLU A 12 -0.99 -18.00 -5.45
C GLU A 12 -0.48 -16.55 -5.57
N LEU A 13 0.58 -16.36 -6.35
CA LEU A 13 1.17 -15.04 -6.63
C LEU A 13 0.26 -14.19 -7.49
N LEU A 14 -0.48 -14.86 -8.39
CA LEU A 14 -1.42 -14.19 -9.27
C LEU A 14 -2.49 -13.48 -8.47
N TYR A 15 -2.96 -14.16 -7.41
CA TYR A 15 -4.08 -13.70 -6.59
C TYR A 15 -3.63 -12.95 -5.34
N GLY A 16 -2.32 -12.82 -5.16
CA GLY A 16 -1.79 -12.16 -3.99
C GLY A 16 -1.90 -13.00 -2.71
N GLU A 17 -2.26 -14.27 -2.81
CA GLU A 17 -2.26 -15.12 -1.64
C GLU A 17 -0.85 -15.33 -1.07
N THR A 18 0.14 -15.29 -1.96
CA THR A 18 1.52 -14.99 -1.58
C THR A 18 1.92 -13.73 -2.29
N LEU A 19 2.44 -12.76 -1.56
CA LEU A 19 2.82 -11.51 -2.16
C LEU A 19 4.12 -11.68 -2.96
N ASP A 20 4.09 -11.41 -4.27
CA ASP A 20 5.30 -11.57 -5.12
C ASP A 20 6.28 -10.44 -4.89
N THR A 21 7.20 -10.65 -3.98
CA THR A 21 8.31 -9.73 -3.87
C THR A 21 9.56 -10.28 -4.59
N ASN A 22 9.60 -11.61 -4.83
CA ASN A 22 10.75 -12.20 -5.59
C ASN A 22 11.09 -11.49 -6.91
N THR A 23 10.10 -11.33 -7.77
CA THR A 23 10.44 -10.81 -9.11
C THR A 23 11.00 -9.42 -9.04
N ALA A 24 10.48 -8.58 -8.15
CA ALA A 24 11.00 -7.22 -7.98
C ALA A 24 12.43 -7.20 -7.38
N GLU A 25 12.68 -8.10 -6.43
CA GLU A 25 13.97 -8.13 -5.76
C GLU A 25 15.04 -8.56 -6.79
N ILE A 26 14.70 -9.57 -7.54
CA ILE A 26 15.57 -9.97 -8.63
C ILE A 26 15.80 -8.81 -9.60
N ALA A 27 14.72 -8.12 -9.98
CA ALA A 27 14.83 -7.03 -10.91
C ALA A 27 15.81 -5.98 -10.40
N ARG A 28 15.72 -5.68 -9.10
CA ARG A 28 16.55 -4.65 -8.49
C ARG A 28 18.01 -5.14 -8.46
N SER A 29 18.23 -6.45 -8.30
CA SER A 29 19.61 -6.99 -8.28
C SER A 29 20.30 -6.83 -9.64
N LEU A 30 19.49 -6.74 -10.70
CA LEU A 30 20.03 -6.54 -12.07
C LEU A 30 20.38 -5.10 -12.47
N LYS A 31 20.12 -4.20 -11.56
CA LYS A 31 20.43 -2.81 -11.80
C LYS A 31 21.87 -2.54 -12.24
N PRO A 32 22.88 -3.20 -11.63
CA PRO A 32 24.27 -2.84 -12.05
C PRO A 32 24.64 -3.34 -13.45
N TYR A 33 23.73 -4.06 -14.10
CA TYR A 33 24.03 -4.70 -15.36
C TYR A 33 23.33 -3.96 -16.47
N ALA A 34 23.97 -3.91 -17.64
CA ALA A 34 23.39 -3.27 -18.82
C ALA A 34 22.34 -4.13 -19.48
N LEU A 35 21.32 -4.55 -18.73
CA LEU A 35 20.17 -5.25 -19.31
C LEU A 35 18.88 -4.46 -19.08
N LYS A 36 17.94 -4.58 -20.01
CA LYS A 36 16.67 -3.88 -19.93
C LYS A 36 15.59 -4.80 -19.33
N VAL A 37 14.94 -4.36 -18.27
CA VAL A 37 13.81 -5.12 -17.77
C VAL A 37 12.54 -4.41 -18.21
N GLU A 38 11.85 -5.00 -19.17
CA GLU A 38 10.69 -4.38 -19.76
C GLU A 38 9.43 -4.75 -19.00
N ARG A 39 9.45 -5.93 -18.39
CA ARG A 39 8.27 -6.52 -17.77
C ARG A 39 8.68 -7.57 -16.77
N THR A 40 7.76 -7.88 -15.85
CA THR A 40 7.87 -9.07 -15.03
C THR A 40 6.56 -9.85 -15.12
N LEU A 41 6.64 -11.17 -14.98
CA LEU A 41 5.44 -12.01 -15.07
C LEU A 41 5.24 -12.74 -13.78
N ARG A 42 3.98 -13.04 -13.50
CA ARG A 42 3.64 -14.05 -12.51
C ARG A 42 2.84 -15.05 -13.32
N VAL A 43 3.16 -16.34 -13.20
CA VAL A 43 2.51 -17.37 -14.03
C VAL A 43 1.91 -18.47 -13.19
N ALA A 44 0.72 -18.93 -13.59
CA ALA A 44 0.07 -20.07 -12.92
C ALA A 44 0.88 -21.36 -12.95
N ASP A 45 0.64 -22.27 -11.99
CA ASP A 45 1.32 -23.58 -11.97
C ASP A 45 0.65 -24.52 -12.97
N GLU A 46 0.93 -24.32 -14.26
CA GLU A 46 0.39 -25.18 -15.31
C GLU A 46 1.42 -25.29 -16.38
N VAL A 47 1.74 -26.54 -16.76
CA VAL A 47 2.94 -26.80 -17.55
C VAL A 47 2.90 -26.15 -18.91
N ALA A 48 1.77 -26.25 -19.61
CA ALA A 48 1.68 -25.71 -20.98
C ALA A 48 1.77 -24.17 -21.02
N PRO A 49 0.90 -23.46 -20.25
CA PRO A 49 1.06 -22.00 -20.27
C PRO A 49 2.47 -21.59 -19.80
N LEU A 50 3.00 -22.26 -18.79
CA LEU A 50 4.32 -21.85 -18.26
C LEU A 50 5.39 -22.12 -19.31
N ALA A 51 5.29 -23.27 -19.97
CA ALA A 51 6.27 -23.58 -21.03
C ALA A 51 6.21 -22.50 -22.09
N ARG A 52 5.01 -22.11 -22.49
CA ARG A 52 4.83 -21.04 -23.50
C ARG A 52 5.51 -19.72 -23.06
N GLU A 53 5.30 -19.32 -21.82
CA GLU A 53 5.89 -18.08 -21.32
C GLU A 53 7.42 -18.14 -21.26
N VAL A 54 7.97 -19.26 -20.80
CA VAL A 54 9.43 -19.44 -20.77
C VAL A 54 10.09 -19.38 -22.18
N GLU A 55 9.48 -20.08 -23.12
CA GLU A 55 10.02 -20.09 -24.46
C GLU A 55 10.07 -18.69 -25.02
N GLU A 56 8.94 -17.99 -24.93
CA GLU A 56 8.85 -16.59 -25.39
C GLU A 56 9.88 -15.71 -24.68
N ALA A 57 10.01 -15.85 -23.35
CA ALA A 57 10.95 -15.05 -22.56
C ALA A 57 12.37 -15.32 -23.02
N PHE A 58 12.67 -16.61 -23.18
CA PHE A 58 14.00 -17.05 -23.62
C PHE A 58 14.36 -16.53 -25.03
N ALA A 59 13.42 -16.65 -25.95
CA ALA A 59 13.59 -16.12 -27.31
C ALA A 59 13.93 -14.63 -27.38
N ARG A 60 13.35 -13.84 -26.50
CA ARG A 60 13.62 -12.39 -26.53
C ARG A 60 14.71 -11.88 -25.59
N ALA A 61 15.29 -12.73 -24.75
CA ALA A 61 16.19 -12.22 -23.67
C ALA A 61 17.64 -12.78 -23.69
N ARG A 62 18.58 -11.99 -23.17
CA ARG A 62 19.91 -12.44 -22.75
C ARG A 62 19.86 -13.27 -21.45
N LEU A 63 18.92 -12.94 -20.56
CA LEU A 63 18.76 -13.69 -19.31
C LEU A 63 17.30 -13.91 -18.96
N VAL A 64 16.99 -15.10 -18.48
CA VAL A 64 15.69 -15.40 -17.94
C VAL A 64 15.87 -15.95 -16.54
N VAL A 65 15.26 -15.30 -15.55
CA VAL A 65 15.27 -15.79 -14.19
C VAL A 65 13.88 -16.23 -13.76
N LEU A 66 13.76 -17.47 -13.30
CA LEU A 66 12.51 -17.98 -12.78
C LEU A 66 12.62 -18.29 -11.31
N SER A 67 11.52 -18.09 -10.61
CA SER A 67 11.46 -18.36 -9.20
C SER A 67 10.25 -19.20 -8.88
N GLY A 68 10.44 -20.26 -8.11
CA GLY A 68 9.29 -20.94 -7.53
C GLY A 68 8.87 -22.14 -8.37
N GLY A 69 8.04 -22.99 -7.78
CA GLY A 69 7.53 -24.18 -8.46
C GLY A 69 8.57 -25.29 -8.58
N LEU A 70 9.53 -25.30 -7.66
CA LEU A 70 10.55 -26.33 -7.66
C LEU A 70 10.29 -27.37 -6.57
N GLY A 71 9.05 -27.40 -6.07
CA GLY A 71 8.66 -28.39 -5.06
C GLY A 71 8.45 -29.79 -5.61
N PRO A 72 7.97 -30.70 -4.75
CA PRO A 72 7.73 -32.10 -5.06
C PRO A 72 6.28 -32.44 -5.46
N THR A 73 5.37 -31.46 -5.39
CA THR A 73 3.92 -31.68 -5.64
C THR A 73 3.59 -31.68 -7.13
N PRO A 74 2.39 -32.15 -7.50
CA PRO A 74 1.90 -32.05 -8.88
C PRO A 74 1.71 -30.60 -9.34
N ASP A 75 1.66 -29.68 -8.39
CA ASP A 75 1.56 -28.25 -8.70
C ASP A 75 2.91 -27.62 -8.98
N ASP A 76 3.98 -28.36 -8.70
CA ASP A 76 5.33 -27.90 -8.95
C ASP A 76 5.85 -28.43 -10.27
N VAL A 77 5.76 -27.62 -11.31
CA VAL A 77 5.96 -28.09 -12.67
C VAL A 77 6.96 -27.25 -13.43
N THR A 78 7.69 -26.39 -12.73
CA THR A 78 8.60 -25.46 -13.40
C THR A 78 9.69 -26.21 -14.24
N ARG A 79 10.30 -27.25 -13.66
CA ARG A 79 11.35 -27.99 -14.36
C ARG A 79 10.79 -28.58 -15.65
N GLU A 80 9.61 -29.20 -15.55
CA GLU A 80 8.96 -29.80 -16.72
C GLU A 80 8.72 -28.71 -17.77
N ALA A 81 8.27 -27.54 -17.33
CA ALA A 81 7.96 -26.45 -18.27
C ALA A 81 9.19 -25.91 -19.00
N VAL A 82 10.28 -25.73 -18.26
CA VAL A 82 11.53 -25.29 -18.83
C VAL A 82 12.04 -26.33 -19.85
N ALA A 83 12.12 -27.59 -19.43
CA ALA A 83 12.37 -28.73 -20.32
C ALA A 83 11.53 -28.63 -21.60
N LEU A 84 10.21 -28.51 -21.44
CA LEU A 84 9.35 -28.40 -22.60
C LEU A 84 9.70 -27.16 -23.42
N ALA A 85 9.79 -26.00 -22.77
CA ALA A 85 10.16 -24.77 -23.46
C ALA A 85 11.46 -24.84 -24.27
N LEU A 86 12.50 -25.46 -23.73
CA LEU A 86 13.81 -25.44 -24.40
C LEU A 86 14.04 -26.66 -25.30
N GLY A 87 13.07 -27.59 -25.36
CA GLY A 87 13.21 -28.81 -26.16
C GLY A 87 14.33 -29.75 -25.69
N GLU A 88 14.51 -29.92 -24.38
CA GLU A 88 15.51 -30.86 -23.83
C GLU A 88 14.82 -31.82 -22.88
N PRO A 89 15.34 -33.06 -22.74
CA PRO A 89 14.61 -33.95 -21.82
C PRO A 89 15.16 -33.85 -20.40
N LEU A 90 14.30 -34.13 -19.43
CA LEU A 90 14.72 -34.24 -18.04
C LEU A 90 15.58 -35.50 -17.75
N GLU A 91 16.61 -35.36 -16.92
CA GLU A 91 17.44 -36.53 -16.58
C GLU A 91 17.66 -36.65 -15.08
N LEU A 92 17.41 -37.82 -14.52
CA LEU A 92 17.67 -38.07 -13.10
C LEU A 92 19.16 -37.99 -12.76
N ASP A 93 19.53 -37.15 -11.81
CA ASP A 93 20.92 -37.12 -11.39
C ASP A 93 21.06 -37.91 -10.09
N GLU A 94 21.40 -39.18 -10.20
CA GLU A 94 21.50 -40.07 -9.03
C GLU A 94 22.22 -39.43 -7.84
N ALA A 95 23.32 -38.73 -8.11
CA ALA A 95 24.10 -38.04 -7.08
C ALA A 95 23.26 -37.01 -6.30
N VAL A 96 22.51 -36.19 -7.04
CA VAL A 96 21.61 -35.21 -6.42
C VAL A 96 20.49 -35.89 -5.59
N LEU A 97 19.92 -36.95 -6.16
CA LEU A 97 18.95 -37.80 -5.47
C LEU A 97 19.48 -38.29 -4.11
N GLY A 98 20.76 -38.67 -4.07
CA GLY A 98 21.41 -39.02 -2.82
C GLY A 98 21.39 -37.87 -1.85
N GLU A 99 21.74 -36.67 -2.32
CA GLU A 99 21.68 -35.48 -1.45
C GLU A 99 20.26 -35.18 -0.97
N ILE A 100 19.28 -35.43 -1.83
CA ILE A 100 17.89 -35.25 -1.41
C ILE A 100 17.48 -36.31 -0.39
N GLU A 101 17.91 -37.56 -0.61
CA GLU A 101 17.72 -38.61 0.39
C GLU A 101 18.36 -38.22 1.74
N ALA A 102 19.59 -37.71 1.70
CA ALA A 102 20.32 -37.24 2.89
C ALA A 102 19.55 -36.15 3.66
N PHE A 103 18.95 -35.19 2.92
CA PHE A 103 18.18 -34.13 3.56
C PHE A 103 17.12 -34.69 4.50
N PHE A 104 16.38 -35.69 4.03
CA PHE A 104 15.29 -36.23 4.82
C PHE A 104 15.85 -37.09 5.92
N ARG A 105 16.83 -37.94 5.58
CA ARG A 105 17.43 -38.84 6.54
C ARG A 105 18.04 -38.06 7.73
N ALA A 106 18.78 -36.99 7.43
CA ALA A 106 19.21 -36.05 8.48
C ALA A 106 18.07 -35.59 9.41
N ARG A 107 16.83 -35.60 8.91
CA ARG A 107 15.67 -35.23 9.76
C ARG A 107 14.92 -36.45 10.29
N GLY A 108 15.51 -37.63 10.11
CA GLY A 108 14.94 -38.88 10.60
C GLY A 108 13.78 -39.42 9.79
N ARG A 109 13.76 -39.14 8.49
CA ARG A 109 12.62 -39.48 7.65
C ARG A 109 13.10 -40.10 6.35
N ALA A 110 12.40 -41.11 5.85
CA ALA A 110 12.71 -41.65 4.54
C ALA A 110 12.30 -40.58 3.53
N MET A 111 12.95 -40.55 2.36
CA MET A 111 12.57 -39.60 1.33
C MET A 111 11.22 -39.94 0.70
N PRO A 112 10.24 -39.02 0.77
CA PRO A 112 8.98 -39.31 0.07
C PRO A 112 9.25 -39.53 -1.43
N GLU A 113 8.52 -40.45 -2.05
CA GLU A 113 8.74 -40.71 -3.49
C GLU A 113 8.51 -39.46 -4.32
N ALA A 114 7.60 -38.59 -3.89
CA ALA A 114 7.31 -37.34 -4.63
C ALA A 114 8.60 -36.55 -4.92
N ASN A 115 9.48 -36.47 -3.93
CA ASN A 115 10.71 -35.67 -4.04
C ASN A 115 11.76 -36.14 -5.03
N ARG A 116 11.57 -37.33 -5.62
CA ARG A 116 12.50 -37.83 -6.63
C ARG A 116 12.62 -36.85 -7.77
N LYS A 117 11.48 -36.25 -8.12
CA LYS A 117 11.36 -35.22 -9.15
C LYS A 117 12.43 -34.15 -9.10
N GLN A 118 12.83 -33.80 -7.88
CA GLN A 118 13.71 -32.65 -7.64
C GLN A 118 15.16 -32.90 -8.06
N ALA A 119 15.44 -34.13 -8.50
CA ALA A 119 16.80 -34.47 -8.98
C ALA A 119 16.87 -34.56 -10.52
N MET A 120 15.89 -33.94 -11.18
CA MET A 120 15.86 -33.86 -12.66
C MET A 120 16.46 -32.54 -13.17
N ARG A 121 17.26 -32.65 -14.22
CA ARG A 121 17.92 -31.51 -14.84
C ARG A 121 17.97 -31.82 -16.33
N ILE A 122 17.97 -30.79 -17.15
CA ILE A 122 18.17 -30.99 -18.57
C ILE A 122 19.66 -31.00 -18.83
N PRO A 123 20.09 -31.54 -20.00
CA PRO A 123 21.51 -31.62 -20.29
C PRO A 123 22.23 -30.29 -20.29
N SER A 124 21.52 -29.20 -20.61
CA SER A 124 22.16 -27.87 -20.63
C SER A 124 22.34 -27.22 -19.27
N ALA A 125 21.82 -27.85 -18.21
CA ALA A 125 21.81 -27.25 -16.87
C ALA A 125 22.91 -27.78 -15.99
N THR A 126 23.64 -26.88 -15.33
CA THR A 126 24.42 -27.27 -14.16
C THR A 126 23.62 -26.97 -12.88
N TRP A 127 23.99 -27.61 -11.79
CA TRP A 127 23.21 -27.53 -10.55
C TRP A 127 23.63 -26.33 -9.76
N LEU A 128 22.68 -25.79 -9.01
CA LEU A 128 23.00 -24.74 -8.05
C LEU A 128 22.61 -25.29 -6.69
N LYS A 129 23.59 -25.37 -5.80
CA LYS A 129 23.41 -26.01 -4.51
C LYS A 129 22.43 -25.22 -3.62
N ASN A 130 21.57 -25.96 -2.93
CA ASN A 130 20.63 -25.41 -1.97
C ASN A 130 20.83 -26.15 -0.64
N PRO A 131 21.79 -25.73 0.18
CA PRO A 131 21.97 -26.43 1.46
C PRO A 131 20.87 -26.07 2.47
N ARG A 132 19.93 -25.23 2.07
CA ARG A 132 18.88 -24.76 2.96
C ARG A 132 17.50 -25.37 2.71
N GLY A 133 17.41 -26.17 1.65
CA GLY A 133 16.13 -26.65 1.14
C GLY A 133 16.36 -27.92 0.34
N THR A 134 15.29 -28.58 -0.08
CA THR A 134 15.45 -29.83 -0.79
C THR A 134 15.77 -29.62 -2.27
N ALA A 135 15.28 -28.52 -2.85
CA ALA A 135 15.38 -28.28 -4.30
C ALA A 135 16.65 -27.53 -4.73
N PRO A 136 17.55 -28.21 -5.43
CA PRO A 136 18.67 -27.51 -6.03
C PRO A 136 18.19 -26.73 -7.27
N GLY A 137 18.79 -25.59 -7.55
CA GLY A 137 18.36 -24.77 -8.68
C GLY A 137 19.08 -25.21 -9.92
N TRP A 138 18.79 -24.54 -11.04
CA TRP A 138 19.50 -24.76 -12.30
C TRP A 138 20.14 -23.49 -12.79
N TRP A 139 21.22 -23.66 -13.55
CA TRP A 139 21.84 -22.66 -14.42
C TRP A 139 22.01 -23.23 -15.81
N VAL A 140 21.25 -22.68 -16.73
CA VAL A 140 21.28 -23.15 -18.11
C VAL A 140 21.98 -22.10 -18.99
N ARG A 141 23.10 -22.47 -19.59
CA ARG A 141 23.75 -21.65 -20.62
C ARG A 141 23.45 -22.33 -21.95
N LYS A 142 22.96 -21.56 -22.91
CA LYS A 142 22.53 -22.12 -24.18
C LYS A 142 22.25 -20.99 -25.17
N GLY A 143 22.90 -21.06 -26.32
CA GLY A 143 22.72 -20.09 -27.38
C GLY A 143 23.29 -18.75 -27.01
N GLY A 144 24.33 -18.75 -26.18
CA GLY A 144 24.86 -17.53 -25.56
C GLY A 144 23.88 -16.91 -24.55
N LYS A 145 22.83 -17.62 -24.19
CA LYS A 145 21.85 -17.12 -23.21
C LYS A 145 21.87 -17.85 -21.84
N ASP A 146 21.50 -17.15 -20.77
CA ASP A 146 21.35 -17.76 -19.47
C ASP A 146 19.89 -17.84 -19.04
N LEU A 147 19.56 -18.99 -18.44
CA LEU A 147 18.31 -19.20 -17.76
C LEU A 147 18.62 -19.81 -16.36
N VAL A 148 17.98 -19.29 -15.32
CA VAL A 148 18.24 -19.69 -13.93
C VAL A 148 16.89 -19.96 -13.26
N LEU A 149 16.76 -21.16 -12.68
CA LEU A 149 15.66 -21.55 -11.87
C LEU A 149 16.04 -21.39 -10.40
N LEU A 150 15.21 -20.69 -9.64
CA LEU A 150 15.47 -20.51 -8.21
C LEU A 150 14.28 -21.06 -7.46
N PRO A 151 14.51 -21.61 -6.26
CA PRO A 151 13.38 -21.98 -5.39
C PRO A 151 12.60 -20.73 -4.98
N GLY A 152 11.32 -20.89 -4.64
CA GLY A 152 10.50 -19.82 -4.08
C GLY A 152 11.02 -19.11 -2.86
N PRO A 153 11.30 -19.88 -1.78
CA PRO A 153 11.49 -19.20 -0.51
C PRO A 153 12.67 -18.23 -0.62
N PRO A 154 12.49 -16.96 -0.22
CA PRO A 154 13.68 -16.08 -0.27
C PRO A 154 14.93 -16.63 0.45
N PRO A 155 14.77 -17.29 1.64
CA PRO A 155 16.02 -17.60 2.33
C PRO A 155 16.78 -18.71 1.61
N GLU A 156 16.08 -19.42 0.74
CA GLU A 156 16.70 -20.47 -0.05
C GLU A 156 17.31 -19.84 -1.28
N TRP A 157 16.53 -19.07 -2.02
CA TRP A 157 17.06 -18.55 -3.26
C TRP A 157 18.08 -17.42 -3.13
N ARG A 158 17.95 -16.53 -2.15
CA ARG A 158 18.87 -15.37 -2.05
C ARG A 158 20.39 -15.68 -2.04
N PRO A 159 20.83 -16.62 -1.18
CA PRO A 159 22.27 -16.97 -1.29
C PRO A 159 22.61 -17.65 -2.64
N MET A 160 21.66 -18.34 -3.25
CA MET A 160 21.98 -19.06 -4.46
C MET A 160 22.19 -18.05 -5.58
N TRP A 161 21.30 -17.07 -5.60
CA TRP A 161 21.31 -16.05 -6.62
C TRP A 161 22.53 -15.17 -6.47
N GLN A 162 22.86 -14.81 -5.23
CA GLN A 162 24.03 -13.98 -4.97
C GLN A 162 25.31 -14.65 -5.54
N GLU A 163 25.41 -15.96 -5.30
CA GLU A 163 26.54 -16.75 -5.78
C GLU A 163 26.65 -16.81 -7.32
N VAL A 164 25.55 -17.14 -8.00
CA VAL A 164 25.57 -17.39 -9.45
C VAL A 164 25.55 -16.11 -10.30
N LEU A 165 24.93 -15.05 -9.79
CA LEU A 165 24.77 -13.83 -10.57
C LEU A 165 26.09 -13.27 -11.16
N PRO A 166 27.15 -13.12 -10.33
CA PRO A 166 28.40 -12.62 -10.90
C PRO A 166 29.08 -13.63 -11.85
N ARG A 167 28.63 -14.89 -11.86
CA ARG A 167 29.19 -15.90 -12.77
C ARG A 167 28.63 -15.90 -14.17
N LEU A 168 27.52 -15.22 -14.39
CA LEU A 168 26.82 -15.27 -15.68
C LEU A 168 27.50 -14.46 -16.80
N GLY A 169 28.44 -13.62 -16.42
CA GLY A 169 29.14 -12.79 -17.38
C GLY A 169 28.23 -11.77 -18.05
N LEU A 170 27.26 -11.25 -17.29
CA LEU A 170 26.37 -10.23 -17.84
C LEU A 170 27.13 -8.95 -18.04
N PRO A 171 26.77 -8.17 -19.07
CA PRO A 171 27.53 -6.93 -19.21
C PRO A 171 27.16 -5.93 -18.09
N ARG A 172 28.19 -5.25 -17.58
CA ARG A 172 28.05 -4.30 -16.51
C ARG A 172 27.81 -2.90 -17.08
N ARG A 173 27.21 -2.05 -16.29
CA ARG A 173 27.05 -0.65 -16.63
C ARG A 173 26.99 0.08 -15.29
N PRO A 174 27.82 1.11 -15.12
CA PRO A 174 27.84 1.84 -13.85
C PRO A 174 26.51 2.57 -13.70
N TYR A 175 25.78 2.21 -12.66
CA TYR A 175 24.39 2.59 -12.54
C TYR A 175 24.19 3.47 -11.32
N ALA A 176 23.36 4.49 -11.49
CA ALA A 176 22.97 5.32 -10.37
C ALA A 176 21.49 5.61 -10.44
N GLU A 177 20.89 5.96 -9.30
CA GLU A 177 19.56 6.54 -9.28
C GLU A 177 19.45 7.64 -8.23
N ARG A 178 18.62 8.62 -8.51
CA ARG A 178 18.37 9.71 -7.57
C ARG A 178 16.87 9.88 -7.40
N VAL A 179 16.44 9.89 -6.15
CA VAL A 179 15.03 10.07 -5.83
C VAL A 179 14.88 11.44 -5.14
N LEU A 180 14.09 12.32 -5.77
CA LEU A 180 13.75 13.61 -5.18
C LEU A 180 12.29 13.63 -4.77
N LYS A 181 12.07 14.05 -3.53
CA LYS A 181 10.74 14.05 -2.96
C LYS A 181 10.27 15.48 -2.85
N THR A 182 9.20 15.81 -3.60
CA THR A 182 8.66 17.17 -3.60
C THR A 182 7.31 17.30 -2.89
N TRP A 183 6.94 18.53 -2.57
CA TRP A 183 5.60 18.81 -2.08
C TRP A 183 5.09 20.07 -2.72
N GLY A 184 3.79 20.04 -3.01
CA GLY A 184 3.03 21.21 -3.37
C GLY A 184 3.14 21.61 -4.83
N ILE A 185 3.52 20.66 -5.67
CA ILE A 185 3.66 20.86 -7.11
C ILE A 185 3.11 19.61 -7.77
N GLY A 186 2.16 19.77 -8.67
CA GLY A 186 1.60 18.61 -9.33
C GLY A 186 2.43 18.17 -10.53
N GLU A 187 2.01 17.04 -11.12
CA GLU A 187 2.69 16.44 -12.27
C GLU A 187 2.85 17.36 -13.49
N SER A 188 1.78 18.07 -13.84
CA SER A 188 1.87 18.93 -15.01
C SER A 188 2.86 20.07 -14.85
N GLU A 189 2.96 20.64 -13.64
CA GLU A 189 3.87 21.77 -13.45
C GLU A 189 5.31 21.27 -13.49
N ILE A 190 5.54 20.10 -12.91
CA ILE A 190 6.85 19.46 -13.02
C ILE A 190 7.23 19.29 -14.49
N VAL A 191 6.31 18.76 -15.28
CA VAL A 191 6.49 18.67 -16.75
C VAL A 191 6.96 20.00 -17.32
N GLU A 192 6.15 21.04 -17.16
CA GLU A 192 6.52 22.38 -17.64
C GLU A 192 7.83 22.91 -17.08
N ARG A 193 8.08 22.77 -15.79
CA ARG A 193 9.34 23.30 -15.29
C ARG A 193 10.55 22.55 -15.83
N LEU A 194 10.38 21.25 -16.06
CA LEU A 194 11.45 20.42 -16.60
C LEU A 194 11.62 20.59 -18.10
N GLY A 195 10.52 20.58 -18.85
CA GLY A 195 10.60 20.62 -20.30
C GLY A 195 11.51 19.51 -20.78
N PRO A 196 12.59 19.86 -21.54
CA PRO A 196 13.51 18.87 -22.12
C PRO A 196 14.33 18.04 -21.10
N LEU A 197 14.27 18.41 -19.82
CA LEU A 197 15.00 17.70 -18.80
C LEU A 197 14.24 16.45 -18.41
N PHE A 198 12.98 16.36 -18.84
CA PHE A 198 12.16 15.20 -18.54
C PHE A 198 12.51 14.07 -19.52
N VAL A 199 13.79 13.65 -19.50
CA VAL A 199 14.34 12.74 -20.50
C VAL A 199 13.81 11.31 -20.38
N ARG A 200 13.52 10.71 -21.53
CA ARG A 200 13.26 9.28 -21.58
C ARG A 200 14.07 8.61 -22.73
N GLU A 201 15.21 8.05 -22.36
CA GLU A 201 16.24 7.62 -23.31
C GLU A 201 16.81 6.30 -22.84
N GLU A 202 17.52 5.61 -23.71
CA GLU A 202 18.14 4.35 -23.29
C GLU A 202 19.21 4.48 -22.20
N GLU A 203 20.07 5.50 -22.25
CA GLU A 203 21.14 5.68 -21.25
C GLU A 203 20.65 6.16 -19.88
N VAL A 204 19.57 6.94 -19.85
CA VAL A 204 19.07 7.57 -18.62
C VAL A 204 17.59 7.88 -18.76
N GLU A 205 16.88 7.87 -17.64
CA GLU A 205 15.49 8.31 -17.65
C GLU A 205 15.01 8.97 -16.35
N VAL A 206 13.94 9.73 -16.51
CA VAL A 206 13.33 10.58 -15.50
C VAL A 206 11.88 10.15 -15.40
N GLY A 207 11.44 9.76 -14.20
CA GLY A 207 10.05 9.35 -13.98
C GLY A 207 9.40 10.08 -12.80
N THR A 208 8.06 10.24 -12.85
CA THR A 208 7.35 10.86 -11.73
C THR A 208 6.32 9.92 -11.12
N TYR A 209 6.16 10.01 -9.81
CA TYR A 209 5.32 9.09 -9.07
C TYR A 209 4.55 9.90 -8.05
N PRO A 210 3.25 10.17 -8.33
CA PRO A 210 2.45 11.00 -7.41
C PRO A 210 2.07 10.22 -6.15
N LYS A 211 2.41 10.73 -4.98
CA LYS A 211 2.03 10.05 -3.75
C LYS A 211 1.20 10.98 -2.90
N VAL A 212 0.56 10.42 -1.88
CA VAL A 212 -0.20 11.22 -0.91
C VAL A 212 0.75 12.20 -0.22
N HIS A 213 2.01 11.82 -0.10
CA HIS A 213 3.06 12.75 0.41
C HIS A 213 3.73 13.58 -0.66
N GLY A 214 3.16 13.61 -1.85
CA GLY A 214 3.69 14.50 -2.91
C GLY A 214 4.30 13.73 -4.07
N VAL A 215 4.78 14.45 -5.08
CA VAL A 215 5.31 13.80 -6.27
C VAL A 215 6.82 13.51 -6.12
N GLU A 216 7.15 12.23 -6.18
CA GLU A 216 8.53 11.77 -6.26
C GLU A 216 9.03 11.79 -7.72
N VAL A 217 10.22 12.35 -7.91
CA VAL A 217 10.88 12.37 -9.18
C VAL A 217 12.10 11.48 -9.06
N VAL A 218 12.18 10.46 -9.92
CA VAL A 218 13.31 9.54 -9.89
C VAL A 218 14.07 9.68 -11.20
N VAL A 219 15.37 9.93 -11.12
CA VAL A 219 16.26 9.81 -12.27
C VAL A 219 17.09 8.52 -12.09
N ARG A 220 17.20 7.71 -13.15
CA ARG A 220 17.89 6.42 -13.08
C ARG A 220 18.61 6.05 -14.38
N GLY A 221 19.75 5.35 -14.27
CA GLY A 221 20.55 4.94 -15.43
C GLY A 221 22.04 5.15 -15.24
N ARG A 222 22.74 5.40 -16.35
CA ARG A 222 24.18 5.61 -16.34
C ARG A 222 24.55 6.61 -15.29
N GLU A 223 25.47 6.23 -14.42
CA GLU A 223 25.93 7.06 -13.31
C GLU A 223 26.27 8.50 -13.70
N ASP A 224 26.98 8.70 -14.83
CA ASP A 224 27.34 10.07 -15.22
C ASP A 224 26.12 10.92 -15.58
N ARG A 225 25.28 10.39 -16.47
CA ARG A 225 24.08 11.08 -16.91
C ARG A 225 23.06 11.28 -15.81
N VAL A 226 22.96 10.35 -14.86
CA VAL A 226 22.04 10.52 -13.74
C VAL A 226 22.50 11.69 -12.87
N ALA A 227 23.79 11.71 -12.51
CA ALA A 227 24.30 12.75 -11.59
C ALA A 227 23.96 14.15 -12.07
N GLU A 228 24.28 14.45 -13.33
CA GLU A 228 24.18 15.82 -13.83
C GLU A 228 22.77 16.24 -14.18
N LEU A 229 22.03 15.32 -14.79
CA LEU A 229 20.61 15.52 -15.03
C LEU A 229 19.75 15.63 -13.75
N ALA A 230 20.03 14.83 -12.72
CA ALA A 230 19.31 14.98 -11.44
C ALA A 230 19.67 16.30 -10.73
N GLU A 231 20.92 16.73 -10.81
CA GLU A 231 21.27 18.04 -10.23
C GLU A 231 20.53 19.18 -10.95
N ARG A 232 20.49 19.16 -12.29
CA ARG A 232 19.69 20.14 -13.04
C ARG A 232 18.23 20.08 -12.58
N ILE A 233 17.69 18.87 -12.44
CA ILE A 233 16.31 18.77 -12.02
C ILE A 233 16.13 19.33 -10.62
N LYS A 234 17.04 19.02 -9.70
CA LYS A 234 16.90 19.52 -8.35
C LYS A 234 16.85 21.06 -8.34
N LYS A 235 17.62 21.70 -9.24
CA LYS A 235 17.72 23.16 -9.30
C LYS A 235 16.36 23.76 -9.61
N LYS A 236 15.74 23.23 -10.67
CA LYS A 236 14.40 23.58 -11.11
C LYS A 236 13.32 23.36 -10.09
N LEU A 237 13.53 22.47 -9.14
CA LEU A 237 12.47 22.15 -8.21
C LEU A 237 12.90 22.53 -6.77
N LEU A 238 13.88 23.41 -6.66
CA LEU A 238 14.58 23.60 -5.40
C LEU A 238 13.68 23.86 -4.22
N LYS A 239 12.70 24.74 -4.38
CA LYS A 239 11.88 25.09 -3.22
C LYS A 239 10.86 24.01 -2.85
N GLU A 240 10.48 23.15 -3.81
CA GLU A 240 9.55 22.03 -3.51
C GLU A 240 10.19 20.70 -3.06
N VAL A 241 11.50 20.54 -3.23
CA VAL A 241 12.15 19.32 -2.77
C VAL A 241 12.39 19.41 -1.27
N TRP A 242 11.77 18.50 -0.52
CA TRP A 242 11.95 18.47 0.92
C TRP A 242 12.83 17.35 1.40
N GLY A 243 13.23 16.46 0.49
CA GLY A 243 14.01 15.27 0.87
C GLY A 243 14.52 14.48 -0.31
N GLU A 244 15.50 13.61 -0.05
CA GLU A 244 15.99 12.69 -1.07
C GLU A 244 16.02 11.25 -0.55
N GLY A 245 16.22 10.31 -1.47
CA GLY A 245 16.38 8.90 -1.08
C GLY A 245 15.33 8.41 -0.11
N GLU A 246 15.75 8.07 1.11
CA GLU A 246 14.88 7.41 2.07
C GLU A 246 14.09 8.41 2.95
N MET A 247 14.45 9.68 2.89
CA MET A 247 13.87 10.66 3.79
C MET A 247 12.33 10.56 3.77
N THR A 248 11.69 10.59 4.93
CA THR A 248 10.25 10.82 5.01
C THR A 248 9.92 12.24 5.58
N LEU A 249 8.69 12.69 5.32
CA LEU A 249 8.24 13.98 5.86
C LEU A 249 8.32 13.95 7.37
N ALA A 250 7.88 12.85 8.00
CA ALA A 250 8.02 12.74 9.47
C ALA A 250 9.46 12.94 9.93
N GLU A 251 10.39 12.23 9.29
CA GLU A 251 11.82 12.27 9.66
C GLU A 251 12.40 13.66 9.40
N ALA A 252 12.01 14.26 8.29
CA ALA A 252 12.35 15.64 8.00
C ALA A 252 11.90 16.66 9.11
N VAL A 253 10.64 16.54 9.53
CA VAL A 253 10.14 17.35 10.62
C VAL A 253 10.99 17.09 11.89
N LYS A 254 11.23 15.82 12.21
CA LYS A 254 12.15 15.48 13.32
C LYS A 254 13.55 16.17 13.23
N ARG A 255 14.17 16.21 12.06
CA ARG A 255 15.52 16.81 11.93
C ARG A 255 15.48 18.28 12.24
N ARG A 256 14.44 18.96 11.74
CA ARG A 256 14.28 20.38 12.02
C ARG A 256 14.06 20.65 13.51
N MET A 257 13.17 19.88 14.13
CA MET A 257 12.93 20.08 15.57
C MET A 257 14.23 19.89 16.37
N GLU A 258 14.97 18.83 16.07
CA GLU A 258 16.24 18.53 16.76
C GLU A 258 17.34 19.56 16.48
N ARG A 259 17.50 19.98 15.23
CA ARG A 259 18.38 21.10 14.86
C ARG A 259 18.12 22.39 15.68
N GLU A 260 16.83 22.70 15.85
CA GLU A 260 16.44 23.90 16.53
C GLU A 260 16.37 23.75 18.06
N GLY A 261 16.30 22.52 18.56
CA GLY A 261 16.03 22.31 19.98
C GLY A 261 14.60 22.75 20.29
N ALA A 262 13.66 22.42 19.41
CA ALA A 262 12.29 22.90 19.45
C ALA A 262 11.31 21.77 19.71
N THR A 263 10.12 22.14 20.19
CA THR A 263 9.09 21.15 20.48
C THR A 263 7.86 21.40 19.59
N LEU A 264 6.98 20.41 19.53
CA LEU A 264 5.84 20.44 18.61
C LEU A 264 4.60 19.88 19.28
N SER A 265 3.45 20.41 18.89
CA SER A 265 2.17 19.79 19.25
C SER A 265 1.17 19.96 18.15
N THR A 266 0.01 19.34 18.28
CA THR A 266 -0.98 19.41 17.19
C THR A 266 -2.43 19.57 17.67
N MET A 267 -3.27 20.13 16.81
CA MET A 267 -4.71 20.11 16.98
C MET A 267 -5.34 19.67 15.67
N GLU A 268 -6.09 18.55 15.70
CA GLU A 268 -6.68 17.99 14.47
C GLU A 268 -8.19 17.85 14.48
N SER A 269 -8.80 18.27 13.37
CA SER A 269 -10.17 17.91 13.12
C SER A 269 -10.33 16.72 12.16
N LEU A 270 -10.48 16.98 10.86
CA LEU A 270 -10.74 15.91 9.86
C LEU A 270 -9.76 14.74 9.86
N THR A 271 -8.50 14.96 10.23
CA THR A 271 -7.53 13.86 10.18
C THR A 271 -7.69 12.96 11.39
N GLY A 272 -8.39 13.43 12.44
CA GLY A 272 -8.80 12.55 13.51
C GLY A 272 -7.72 11.86 14.34
N GLY A 273 -6.47 12.39 14.34
CA GLY A 273 -5.34 11.75 15.03
C GLY A 273 -4.22 11.27 14.10
N LEU A 274 -4.54 11.22 12.81
CA LEU A 274 -3.62 10.65 11.83
C LEU A 274 -2.33 11.47 11.69
N LEU A 275 -2.41 12.77 11.97
CA LEU A 275 -1.16 13.60 11.96
C LEU A 275 -0.24 13.28 13.13
N GLY A 276 -0.82 13.09 14.32
CA GLY A 276 -0.04 12.64 15.47
C GLY A 276 0.53 11.27 15.20
N ALA A 277 -0.30 10.37 14.67
CA ALA A 277 0.17 9.01 14.35
C ALA A 277 1.41 9.02 13.45
N GLU A 278 1.38 9.89 12.45
CA GLU A 278 2.41 9.96 11.46
C GLU A 278 3.67 10.60 12.03
N ILE A 279 3.53 11.66 12.82
CA ILE A 279 4.66 12.25 13.55
C ILE A 279 5.33 11.20 14.47
N THR A 280 4.51 10.44 15.20
CA THR A 280 5.03 9.50 16.20
C THR A 280 5.45 8.15 15.60
N ARG A 281 5.28 7.98 14.29
CA ARG A 281 5.76 6.78 13.58
C ARG A 281 7.28 6.54 13.76
N VAL A 282 8.05 7.62 13.69
CA VAL A 282 9.51 7.57 13.81
C VAL A 282 10.01 7.48 15.24
N PRO A 283 10.83 6.45 15.52
CA PRO A 283 11.41 6.27 16.85
C PRO A 283 12.09 7.57 17.25
N GLY A 284 12.04 7.93 18.53
CA GLY A 284 12.66 9.18 18.96
C GLY A 284 11.72 10.39 18.86
N ALA A 285 10.48 10.19 18.42
CA ALA A 285 9.53 11.34 18.36
C ALA A 285 9.30 12.05 19.73
N SER A 286 9.36 11.32 20.84
CA SER A 286 9.10 11.92 22.14
C SER A 286 10.14 12.98 22.55
N ARG A 287 11.27 13.04 21.87
CA ARG A 287 12.25 14.07 22.11
C ARG A 287 11.72 15.49 21.74
N PHE A 288 10.73 15.59 20.82
CA PHE A 288 10.17 16.92 20.41
C PHE A 288 8.64 17.01 20.43
N TYR A 289 7.95 15.89 20.27
CA TYR A 289 6.49 15.95 20.16
C TYR A 289 5.79 15.83 21.53
N LEU A 290 5.18 16.92 21.99
CA LEU A 290 4.62 16.99 23.37
C LEU A 290 3.27 16.28 23.48
N GLY A 291 2.59 16.23 22.34
CA GLY A 291 1.30 15.56 22.18
C GLY A 291 0.35 16.42 21.38
N GLY A 292 -0.93 16.17 21.52
CA GLY A 292 -1.90 16.83 20.65
C GLY A 292 -3.31 16.52 21.08
N VAL A 293 -4.27 17.19 20.43
CA VAL A 293 -5.69 16.92 20.67
C VAL A 293 -6.39 16.68 19.36
N VAL A 294 -7.45 15.90 19.43
CA VAL A 294 -8.28 15.66 18.29
C VAL A 294 -9.59 16.32 18.65
N SER A 295 -9.91 17.40 17.96
CA SER A 295 -11.10 18.13 18.36
C SER A 295 -12.23 17.82 17.39
N TYR A 296 -12.81 16.64 17.54
CA TYR A 296 -13.69 16.14 16.49
C TYR A 296 -15.09 16.71 16.60
N SER A 297 -15.59 16.94 17.82
CA SER A 297 -16.90 17.56 17.98
C SER A 297 -16.81 19.07 18.09
N VAL A 298 -17.94 19.75 17.85
CA VAL A 298 -17.99 21.20 18.12
C VAL A 298 -17.61 21.52 19.58
N GLY A 299 -18.13 20.75 20.53
CA GLY A 299 -17.79 20.95 21.94
C GLY A 299 -16.29 20.80 22.20
N ALA A 300 -15.64 19.81 21.57
CA ALA A 300 -14.21 19.65 21.78
C ALA A 300 -13.45 20.80 21.17
N LYS A 301 -13.88 21.26 20.00
CA LYS A 301 -13.26 22.43 19.37
C LYS A 301 -13.29 23.63 20.33
N ALA A 302 -14.46 23.88 20.93
CA ALA A 302 -14.64 24.95 21.89
C ALA A 302 -13.77 24.70 23.12
N ARG A 303 -13.82 23.48 23.63
CA ARG A 303 -13.03 23.16 24.81
C ARG A 303 -11.52 23.42 24.66
N PHE A 304 -10.99 23.23 23.45
CA PHE A 304 -9.55 23.30 23.29
C PHE A 304 -9.14 24.61 22.66
N GLY A 305 -10.09 25.53 22.58
CA GLY A 305 -9.76 26.93 22.36
C GLY A 305 -10.18 27.51 21.03
N VAL A 306 -10.94 26.80 20.22
CA VAL A 306 -11.38 27.43 18.98
C VAL A 306 -12.39 28.53 19.42
N PRO A 307 -12.20 29.77 18.96
CA PRO A 307 -13.11 30.87 19.32
C PRO A 307 -14.54 30.51 18.91
N GLN A 308 -15.51 30.88 19.75
CA GLN A 308 -16.93 30.62 19.50
C GLN A 308 -17.40 31.24 18.18
N ASP A 309 -16.91 32.43 17.87
CA ASP A 309 -17.32 33.10 16.64
C ASP A 309 -16.96 32.31 15.37
N LEU A 310 -16.07 31.32 15.47
CA LEU A 310 -15.61 30.58 14.26
C LEU A 310 -16.20 29.18 14.16
N LEU A 311 -17.01 28.80 15.15
CA LEU A 311 -17.59 27.44 15.22
C LEU A 311 -18.54 27.13 14.06
N SER A 312 -18.95 28.16 13.32
CA SER A 312 -19.87 27.96 12.19
C SER A 312 -19.09 27.97 10.87
N ARG A 313 -17.81 28.32 10.95
CA ARG A 313 -16.95 28.11 9.80
C ARG A 313 -15.59 27.50 10.23
N THR A 314 -15.67 26.28 10.77
CA THR A 314 -14.46 25.56 11.18
C THR A 314 -13.59 25.23 9.94
N VAL A 315 -14.21 25.15 8.77
CA VAL A 315 -13.48 24.96 7.53
C VAL A 315 -13.11 26.33 6.96
N SER A 316 -12.06 26.92 7.54
CA SER A 316 -11.59 28.20 7.07
C SER A 316 -10.14 28.39 7.46
N ALA A 317 -9.49 29.35 6.78
CA ALA A 317 -8.15 29.78 7.15
C ALA A 317 -8.14 30.38 8.54
N GLU A 318 -9.11 31.25 8.85
CA GLU A 318 -9.23 31.81 10.20
C GLU A 318 -9.23 30.72 11.28
N THR A 319 -9.96 29.63 11.05
CA THR A 319 -10.13 28.65 12.13
C THR A 319 -8.84 27.88 12.27
N ALA A 320 -8.21 27.65 11.12
CA ALA A 320 -7.02 26.84 11.06
C ALA A 320 -5.89 27.53 11.86
N ARG A 321 -5.75 28.84 11.62
CA ARG A 321 -4.78 29.67 12.38
C ARG A 321 -5.11 29.66 13.89
N ALA A 322 -6.40 29.73 14.21
CA ALA A 322 -6.84 29.81 15.61
C ALA A 322 -6.51 28.51 16.29
N MET A 323 -6.80 27.40 15.61
CA MET A 323 -6.50 26.05 16.10
C MET A 323 -5.01 25.88 16.38
N ALA A 324 -4.17 26.31 15.43
CA ALA A 324 -2.72 26.19 15.60
C ALA A 324 -2.21 27.05 16.78
N GLU A 325 -2.64 28.29 16.86
CA GLU A 325 -2.29 29.16 18.00
C GLU A 325 -2.80 28.57 19.34
N ALA A 326 -4.01 27.99 19.32
CA ALA A 326 -4.59 27.40 20.53
C ALA A 326 -3.75 26.21 21.04
N ALA A 327 -3.38 25.31 20.13
CA ALA A 327 -2.53 24.16 20.46
C ALA A 327 -1.19 24.59 21.04
N ARG A 328 -0.55 25.52 20.37
CA ARG A 328 0.70 26.11 20.85
C ARG A 328 0.60 26.63 22.31
N SER A 329 -0.50 27.31 22.63
CA SER A 329 -0.70 27.87 23.95
C SER A 329 -1.01 26.78 24.98
N LEU A 330 -1.79 25.82 24.54
CA LEU A 330 -2.29 24.71 25.36
C LEU A 330 -1.15 23.74 25.73
N PHE A 331 -0.22 23.53 24.80
CA PHE A 331 0.88 22.60 25.03
C PHE A 331 2.17 23.30 25.43
N GLY A 332 2.23 24.61 25.20
CA GLY A 332 3.45 25.36 25.46
C GLY A 332 4.59 24.90 24.56
N SER A 333 4.24 24.45 23.35
CA SER A 333 5.26 23.95 22.39
C SER A 333 5.86 25.09 21.58
N THR A 334 7.07 24.88 21.05
CA THR A 334 7.67 25.87 20.15
C THR A 334 6.77 26.03 18.91
N TYR A 335 6.30 24.92 18.36
CA TYR A 335 5.48 24.94 17.15
C TYR A 335 4.20 24.15 17.35
N ALA A 336 3.19 24.41 16.51
CA ALA A 336 2.02 23.55 16.54
C ALA A 336 1.37 23.52 15.15
N LEU A 337 0.81 22.37 14.78
CA LEU A 337 0.19 22.25 13.50
C LEU A 337 -1.25 21.99 13.75
N ALA A 338 -2.10 22.42 12.80
CA ALA A 338 -3.52 22.18 12.87
C ALA A 338 -4.09 21.69 11.55
N THR A 339 -5.11 20.86 11.62
CA THR A 339 -5.80 20.46 10.39
C THR A 339 -7.29 20.71 10.57
N THR A 340 -7.90 21.28 9.53
CA THR A 340 -9.36 21.39 9.49
C THR A 340 -9.83 21.28 8.03
N GLY A 341 -10.99 20.67 7.83
CA GLY A 341 -11.55 20.60 6.47
C GLY A 341 -12.59 19.52 6.25
N VAL A 342 -12.82 19.20 4.97
CA VAL A 342 -13.90 18.29 4.58
C VAL A 342 -13.26 17.02 4.01
N ALA A 343 -13.34 15.89 4.73
CA ALA A 343 -12.74 14.64 4.24
C ALA A 343 -13.53 14.02 3.07
N GLY A 344 -14.85 14.23 3.08
CA GLY A 344 -15.76 13.42 2.28
C GLY A 344 -16.34 12.32 3.15
N PRO A 345 -17.45 11.70 2.71
CA PRO A 345 -18.08 11.83 1.40
C PRO A 345 -18.98 13.06 1.23
N ASP A 346 -19.50 13.60 2.33
CA ASP A 346 -20.44 14.73 2.31
C ASP A 346 -19.79 16.11 2.49
N PRO A 347 -20.49 17.18 2.07
CA PRO A 347 -20.00 18.53 2.32
C PRO A 347 -20.18 18.92 3.77
N LEU A 348 -19.45 19.95 4.20
CA LEU A 348 -19.55 20.44 5.56
C LEU A 348 -19.45 21.94 5.47
N GLU A 349 -20.41 22.62 6.09
CA GLU A 349 -20.51 24.06 6.05
C GLU A 349 -20.66 24.57 4.61
N GLY A 350 -21.34 23.79 3.79
CA GLY A 350 -21.50 24.16 2.38
C GLY A 350 -20.21 23.98 1.57
N GLU A 351 -19.14 23.45 2.15
CA GLU A 351 -17.88 23.24 1.39
C GLU A 351 -17.74 21.81 0.94
N PRO A 352 -17.23 21.60 -0.29
CA PRO A 352 -17.12 20.26 -0.87
C PRO A 352 -15.92 19.43 -0.35
N PRO A 353 -16.03 18.09 -0.45
CA PRO A 353 -14.95 17.21 -0.03
C PRO A 353 -13.64 17.68 -0.63
N GLY A 354 -12.55 17.59 0.15
CA GLY A 354 -11.21 17.92 -0.33
C GLY A 354 -10.77 19.30 0.08
N THR A 355 -11.70 20.08 0.64
CA THR A 355 -11.39 21.44 1.07
C THR A 355 -10.72 21.35 2.44
N VAL A 356 -9.44 21.75 2.49
CA VAL A 356 -8.58 21.50 3.65
C VAL A 356 -7.75 22.71 3.95
N TYR A 357 -7.72 23.11 5.22
CA TYR A 357 -6.76 24.14 5.62
C TYR A 357 -5.77 23.51 6.60
N VAL A 358 -4.49 23.82 6.43
CA VAL A 358 -3.49 23.38 7.40
C VAL A 358 -2.76 24.63 7.93
N ALA A 359 -2.37 24.64 9.20
CA ALA A 359 -1.67 25.79 9.70
C ALA A 359 -0.52 25.41 10.60
N LEU A 360 0.45 26.29 10.65
CA LEU A 360 1.58 26.19 11.54
C LEU A 360 1.67 27.48 12.34
N ALA A 361 1.76 27.36 13.66
CA ALA A 361 2.02 28.52 14.52
C ALA A 361 3.36 28.30 15.16
N GLY A 362 4.10 29.40 15.30
CA GLY A 362 5.43 29.36 15.92
C GLY A 362 5.77 30.69 16.58
N PRO A 363 7.00 30.82 17.11
CA PRO A 363 7.46 32.00 17.84
C PRO A 363 7.23 33.28 17.05
N THR A 364 7.43 33.25 15.73
CA THR A 364 7.25 34.48 14.93
C THR A 364 5.88 34.65 14.28
N GLY A 365 4.91 33.81 14.64
CA GLY A 365 3.61 34.00 14.02
C GLY A 365 3.02 32.69 13.52
N ALA A 366 1.93 32.79 12.75
CA ALA A 366 1.24 31.63 12.20
C ALA A 366 1.02 31.78 10.69
N GLU A 367 0.83 30.67 10.00
CA GLU A 367 0.58 30.74 8.57
C GLU A 367 -0.33 29.60 8.18
N VAL A 368 -1.06 29.79 7.09
CA VAL A 368 -2.11 28.86 6.71
C VAL A 368 -1.98 28.54 5.23
N ARG A 369 -2.32 27.30 4.86
CA ARG A 369 -2.38 26.96 3.45
C ARG A 369 -3.66 26.21 3.17
N ARG A 370 -4.23 26.50 2.00
CA ARG A 370 -5.51 25.97 1.60
C ARG A 370 -5.31 24.96 0.47
N TYR A 371 -6.06 23.86 0.52
CA TYR A 371 -5.97 22.86 -0.52
C TYR A 371 -7.35 22.40 -0.95
N ARG A 372 -7.47 22.03 -2.23
CA ARG A 372 -8.65 21.36 -2.72
C ARG A 372 -8.14 20.04 -3.27
N PHE A 373 -8.08 19.00 -2.41
CA PHE A 373 -7.56 17.70 -2.76
C PHE A 373 -8.63 16.84 -3.43
N PRO A 374 -8.31 16.26 -4.59
CA PRO A 374 -9.13 15.20 -5.15
C PRO A 374 -8.95 13.92 -4.35
N GLY A 375 -9.86 12.97 -4.50
CA GLY A 375 -9.73 11.67 -3.84
C GLY A 375 -10.86 11.37 -2.89
N ASP A 376 -10.95 10.13 -2.41
CA ASP A 376 -11.97 9.76 -1.46
C ASP A 376 -11.62 10.23 -0.02
N ARG A 377 -12.51 9.91 0.93
CA ARG A 377 -12.27 10.23 2.35
C ARG A 377 -10.86 9.87 2.86
N GLU A 378 -10.43 8.61 2.69
CA GLU A 378 -9.14 8.20 3.24
C GLU A 378 -7.98 8.93 2.53
N THR A 379 -8.14 9.24 1.26
CA THR A 379 -7.09 9.97 0.54
C THR A 379 -6.97 11.43 1.03
N VAL A 380 -8.11 12.07 1.22
CA VAL A 380 -8.12 13.46 1.64
C VAL A 380 -7.48 13.57 3.03
N ARG A 381 -7.85 12.65 3.92
CA ARG A 381 -7.26 12.56 5.25
C ARG A 381 -5.74 12.49 5.18
N LEU A 382 -5.24 11.55 4.38
CA LEU A 382 -3.81 11.32 4.27
C LEU A 382 -3.06 12.53 3.70
N ARG A 383 -3.60 13.16 2.67
CA ARG A 383 -2.95 14.34 2.05
C ARG A 383 -2.87 15.49 3.01
N SER A 384 -3.90 15.61 3.83
CA SER A 384 -3.95 16.68 4.86
C SER A 384 -2.82 16.51 5.85
N VAL A 385 -2.54 15.28 6.25
CA VAL A 385 -1.45 15.00 7.17
C VAL A 385 -0.13 15.49 6.54
N TYR A 386 0.13 15.09 5.29
CA TYR A 386 1.38 15.45 4.69
C TYR A 386 1.47 16.94 4.39
N ALA A 387 0.34 17.52 4.01
CA ALA A 387 0.27 18.97 3.85
C ALA A 387 0.64 19.71 5.15
N ALA A 388 0.18 19.21 6.28
CA ALA A 388 0.47 19.86 7.55
C ALA A 388 1.97 19.71 7.82
N LEU A 389 2.48 18.49 7.63
CA LEU A 389 3.90 18.24 7.88
C LEU A 389 4.78 19.10 6.94
N ALA A 390 4.30 19.32 5.72
CA ALA A 390 5.08 20.07 4.75
C ALA A 390 5.25 21.55 5.09
N LEU A 391 4.40 22.09 5.97
CA LEU A 391 4.53 23.47 6.38
C LEU A 391 5.84 23.68 7.12
N LEU A 392 6.43 22.62 7.68
CA LEU A 392 7.68 22.72 8.49
C LEU A 392 8.99 22.50 7.70
N VAL A 393 8.89 22.00 6.48
CA VAL A 393 10.06 21.64 5.73
C VAL A 393 9.88 22.18 4.35
N THR A 394 8.84 23.01 4.25
CA THR A 394 8.33 23.62 3.03
C THR A 394 8.55 22.86 1.74
N MET B 1 -12.43 -22.48 -21.49
CA MET B 1 -12.62 -21.23 -20.67
C MET B 1 -11.65 -20.17 -21.18
N GLU B 2 -12.20 -19.01 -21.55
CA GLU B 2 -11.41 -17.94 -22.19
C GLU B 2 -10.53 -17.25 -21.15
N ARG B 3 -9.56 -16.47 -21.60
CA ARG B 3 -8.58 -15.88 -20.67
C ARG B 3 -8.95 -14.45 -20.24
N ALA B 4 -8.46 -14.07 -19.07
CA ALA B 4 -8.45 -12.70 -18.66
C ALA B 4 -7.00 -12.35 -18.50
N GLU B 5 -6.58 -11.28 -19.14
CA GLU B 5 -5.23 -10.81 -19.01
C GLU B 5 -5.22 -9.49 -18.22
N ILE B 6 -4.21 -9.34 -17.39
CA ILE B 6 -4.16 -8.25 -16.42
C ILE B 6 -2.76 -7.62 -16.37
N LEU B 7 -2.65 -6.36 -16.75
CA LEU B 7 -1.37 -5.64 -16.77
C LEU B 7 -1.39 -4.42 -15.86
N GLY B 8 -0.47 -4.40 -14.91
CA GLY B 8 -0.20 -3.16 -14.14
C GLY B 8 0.93 -2.42 -14.81
N VAL B 9 0.71 -1.18 -15.19
CA VAL B 9 1.71 -0.38 -15.85
C VAL B 9 2.45 0.51 -14.83
N GLY B 10 3.77 0.41 -14.82
CA GLY B 10 4.59 1.31 -14.01
C GLY B 10 5.98 0.72 -13.81
N THR B 11 6.99 1.39 -14.31
CA THR B 11 8.36 1.00 -13.99
C THR B 11 8.57 0.78 -12.47
N GLU B 12 7.88 1.56 -11.65
CA GLU B 12 8.10 1.47 -10.19
C GLU B 12 7.56 0.16 -9.67
N LEU B 13 6.60 -0.40 -10.42
CA LEU B 13 6.03 -1.70 -10.11
C LEU B 13 7.00 -2.89 -10.37
N LEU B 14 7.73 -2.85 -11.49
CA LEU B 14 8.73 -3.86 -11.84
C LEU B 14 9.70 -4.04 -10.69
N TYR B 15 10.11 -2.92 -10.10
CA TYR B 15 11.13 -2.92 -9.07
C TYR B 15 10.55 -2.98 -7.66
N GLY B 16 9.23 -3.05 -7.56
CA GLY B 16 8.57 -3.05 -6.26
C GLY B 16 8.81 -1.78 -5.43
N GLU B 17 9.13 -0.66 -6.07
CA GLU B 17 9.26 0.62 -5.38
C GLU B 17 7.89 0.92 -4.81
N THR B 18 6.89 0.58 -5.61
CA THR B 18 5.53 0.37 -5.13
C THR B 18 5.13 -1.07 -5.49
N LEU B 19 4.69 -1.80 -4.49
CA LEU B 19 4.34 -3.20 -4.59
C LEU B 19 3.02 -3.32 -5.37
N ASP B 20 2.98 -4.19 -6.38
CA ASP B 20 1.79 -4.34 -7.25
C ASP B 20 0.71 -5.15 -6.56
N THR B 21 -0.32 -4.47 -6.06
CA THR B 21 -1.44 -5.14 -5.46
C THR B 21 -2.61 -5.08 -6.46
N ASN B 22 -2.58 -4.12 -7.37
CA ASN B 22 -3.66 -3.99 -8.37
C ASN B 22 -3.97 -5.26 -9.16
N THR B 23 -2.93 -5.90 -9.70
CA THR B 23 -3.22 -7.01 -10.61
C THR B 23 -3.81 -8.16 -9.83
N ALA B 24 -3.26 -8.42 -8.66
CA ALA B 24 -3.82 -9.44 -7.75
C ALA B 24 -5.29 -9.11 -7.37
N GLU B 25 -5.55 -7.86 -6.99
CA GLU B 25 -6.91 -7.49 -6.60
C GLU B 25 -7.92 -7.74 -7.74
N ILE B 26 -7.60 -7.21 -8.92
CA ILE B 26 -8.41 -7.46 -10.10
C ILE B 26 -8.57 -8.96 -10.38
N ALA B 27 -7.54 -9.74 -10.11
CA ALA B 27 -7.62 -11.17 -10.38
C ALA B 27 -8.63 -11.79 -9.43
N ARG B 28 -8.55 -11.42 -8.15
CA ARG B 28 -9.49 -11.96 -7.19
C ARG B 28 -10.92 -11.55 -7.55
N SER B 29 -11.11 -10.31 -8.01
CA SER B 29 -12.46 -9.86 -8.35
C SER B 29 -13.06 -10.68 -9.50
N LEU B 30 -12.21 -11.36 -10.26
CA LEU B 30 -12.68 -12.09 -11.42
C LEU B 30 -13.09 -13.54 -11.12
N LYS B 31 -12.84 -14.00 -9.91
CA LYS B 31 -13.19 -15.37 -9.54
C LYS B 31 -14.66 -15.76 -9.76
N PRO B 32 -15.61 -14.83 -9.54
CA PRO B 32 -16.98 -15.23 -9.85
C PRO B 32 -17.27 -15.41 -11.34
N TYR B 33 -16.26 -15.22 -12.20
CA TYR B 33 -16.51 -15.30 -13.63
C TYR B 33 -15.73 -16.41 -14.28
N ALA B 34 -16.27 -16.97 -15.35
CA ALA B 34 -15.66 -18.14 -15.99
C ALA B 34 -14.57 -17.74 -16.99
N LEU B 35 -13.56 -17.05 -16.48
CA LEU B 35 -12.40 -16.73 -17.25
C LEU B 35 -11.20 -17.29 -16.52
N LYS B 36 -10.19 -17.69 -17.29
CA LYS B 36 -8.96 -18.29 -16.83
C LYS B 36 -7.91 -17.19 -16.73
N VAL B 37 -7.21 -17.10 -15.61
CA VAL B 37 -6.09 -16.18 -15.40
C VAL B 37 -4.75 -16.96 -15.38
N GLU B 38 -4.00 -16.91 -16.48
CA GLU B 38 -2.81 -17.75 -16.64
C GLU B 38 -1.54 -17.09 -16.12
N ARG B 39 -1.53 -15.77 -16.11
CA ARG B 39 -0.34 -15.00 -15.77
C ARG B 39 -0.85 -13.58 -15.50
N THR B 40 -0.04 -12.77 -14.79
CA THR B 40 -0.28 -11.32 -14.79
C THR B 40 1.02 -10.64 -15.11
N LEU B 41 0.94 -9.43 -15.63
CA LEU B 41 2.13 -8.69 -16.02
C LEU B 41 2.29 -7.38 -15.28
N ARG B 42 3.53 -6.97 -15.08
CA ARG B 42 3.89 -5.60 -14.73
C ARG B 42 4.73 -5.18 -15.93
N VAL B 43 4.48 -3.97 -16.47
CA VAL B 43 5.17 -3.46 -17.65
C VAL B 43 5.75 -2.08 -17.36
N ALA B 44 6.98 -1.84 -17.84
CA ALA B 44 7.60 -0.53 -17.71
C ALA B 44 6.83 0.51 -18.50
N ASP B 45 6.97 1.77 -18.09
CA ASP B 45 6.41 2.88 -18.83
C ASP B 45 7.10 3.17 -20.17
N GLU B 46 6.99 2.29 -21.15
CA GLU B 46 7.57 2.59 -22.47
C GLU B 46 6.62 2.14 -23.56
N VAL B 47 6.27 3.05 -24.47
CA VAL B 47 5.21 2.80 -25.47
C VAL B 47 5.37 1.50 -26.28
N ALA B 48 6.54 1.34 -26.94
CA ALA B 48 6.81 0.18 -27.81
C ALA B 48 6.58 -1.16 -27.07
N PRO B 49 7.34 -1.41 -25.99
CA PRO B 49 7.12 -2.69 -25.30
C PRO B 49 5.68 -2.80 -24.78
N LEU B 50 5.15 -1.71 -24.21
CA LEU B 50 3.80 -1.76 -23.66
C LEU B 50 2.76 -2.08 -24.75
N ALA B 51 2.90 -1.47 -25.93
CA ALA B 51 2.00 -1.75 -27.04
C ALA B 51 2.11 -3.20 -27.48
N ARG B 52 3.33 -3.71 -27.53
CA ARG B 52 3.51 -5.13 -27.86
C ARG B 52 2.74 -5.99 -26.86
N GLU B 53 2.90 -5.74 -25.55
CA GLU B 53 2.23 -6.61 -24.54
C GLU B 53 0.70 -6.51 -24.59
N VAL B 54 0.21 -5.31 -24.85
CA VAL B 54 -1.24 -5.09 -25.00
C VAL B 54 -1.77 -5.78 -26.23
N GLU B 55 -1.07 -5.61 -27.35
CA GLU B 55 -1.48 -6.31 -28.56
C GLU B 55 -1.56 -7.80 -28.31
N GLU B 56 -0.49 -8.39 -27.78
CA GLU B 56 -0.49 -9.83 -27.49
C GLU B 56 -1.57 -10.28 -26.49
N ALA B 57 -1.78 -9.51 -25.42
CA ALA B 57 -2.78 -9.90 -24.39
C ALA B 57 -4.19 -9.90 -24.95
N PHE B 58 -4.50 -8.86 -25.71
CA PHE B 58 -5.80 -8.74 -26.40
C PHE B 58 -6.04 -9.88 -27.41
N ALA B 59 -5.01 -10.29 -28.16
CA ALA B 59 -5.15 -11.36 -29.16
C ALA B 59 -5.63 -12.67 -28.49
N ARG B 60 -5.15 -12.93 -27.29
CA ARG B 60 -5.33 -14.24 -26.67
C ARG B 60 -6.44 -14.25 -25.62
N ALA B 61 -7.09 -13.11 -25.41
CA ALA B 61 -8.00 -12.98 -24.26
C ALA B 61 -9.38 -12.50 -24.65
N ARG B 62 -10.35 -12.91 -23.86
CA ARG B 62 -11.70 -12.37 -23.88
C ARG B 62 -11.74 -10.99 -23.19
N LEU B 63 -10.87 -10.82 -22.20
CA LEU B 63 -10.83 -9.61 -21.38
C LEU B 63 -9.42 -9.22 -21.05
N VAL B 64 -9.11 -7.96 -21.26
CA VAL B 64 -7.86 -7.41 -20.88
C VAL B 64 -8.17 -6.20 -19.97
N VAL B 65 -7.52 -6.17 -18.81
CA VAL B 65 -7.59 -5.04 -17.87
C VAL B 65 -6.20 -4.46 -17.62
N LEU B 66 -6.04 -3.18 -17.90
CA LEU B 66 -4.81 -2.48 -17.62
C LEU B 66 -5.05 -1.49 -16.51
N SER B 67 -4.05 -1.36 -15.65
CA SER B 67 -4.08 -0.40 -14.54
C SER B 67 -2.80 0.45 -14.53
N GLY B 68 -2.92 1.79 -14.64
CA GLY B 68 -1.78 2.72 -14.56
C GLY B 68 -1.39 3.48 -15.83
N GLY B 69 -0.69 4.61 -15.64
CA GLY B 69 -0.07 5.39 -16.74
C GLY B 69 -1.04 6.32 -17.44
N LEU B 70 -2.06 6.75 -16.70
CA LEU B 70 -3.03 7.71 -17.23
C LEU B 70 -2.80 9.12 -16.68
N GLY B 71 -1.60 9.39 -16.17
CA GLY B 71 -1.25 10.76 -15.80
C GLY B 71 -0.93 11.56 -17.04
N PRO B 72 -0.46 12.80 -16.85
CA PRO B 72 -0.18 13.74 -17.93
C PRO B 72 1.27 13.88 -18.33
N THR B 73 2.13 12.91 -18.00
CA THR B 73 3.57 13.12 -18.10
C THR B 73 4.18 12.31 -19.24
N PRO B 74 5.43 12.63 -19.62
CA PRO B 74 6.00 11.72 -20.64
C PRO B 74 6.18 10.26 -20.15
N ASP B 75 6.04 9.99 -18.86
CA ASP B 75 6.12 8.60 -18.41
C ASP B 75 4.74 7.96 -18.22
N ASP B 76 3.70 8.67 -18.67
CA ASP B 76 2.35 8.11 -18.75
C ASP B 76 2.02 7.86 -20.21
N VAL B 77 2.15 6.61 -20.65
CA VAL B 77 2.06 6.32 -22.08
C VAL B 77 1.06 5.20 -22.44
N THR B 78 0.24 4.78 -21.47
CA THR B 78 -0.73 3.69 -21.65
C THR B 78 -1.78 3.97 -22.75
N ARG B 79 -2.26 5.20 -22.80
CA ARG B 79 -3.21 5.57 -23.83
C ARG B 79 -2.58 5.39 -25.21
N GLU B 80 -1.40 5.98 -25.42
CA GLU B 80 -0.69 5.83 -26.70
C GLU B 80 -0.42 4.36 -27.07
N ALA B 81 0.03 3.58 -26.08
CA ALA B 81 0.38 2.18 -26.33
C ALA B 81 -0.83 1.34 -26.71
N VAL B 82 -1.98 1.62 -26.08
CA VAL B 82 -3.22 0.89 -26.42
C VAL B 82 -3.71 1.27 -27.81
N ALA B 83 -3.58 2.55 -28.13
CA ALA B 83 -4.00 3.06 -29.42
C ALA B 83 -3.11 2.40 -30.48
N LEU B 84 -1.81 2.37 -30.23
CA LEU B 84 -0.90 1.66 -31.10
C LEU B 84 -1.29 0.17 -31.25
N ALA B 85 -1.47 -0.53 -30.12
CA ALA B 85 -1.80 -1.95 -30.14
C ALA B 85 -3.13 -2.28 -30.84
N LEU B 86 -4.08 -1.37 -30.80
CA LEU B 86 -5.37 -1.60 -31.46
C LEU B 86 -5.52 -0.97 -32.86
N GLY B 87 -4.47 -0.31 -33.35
CA GLY B 87 -4.46 0.29 -34.69
C GLY B 87 -5.41 1.46 -34.87
N GLU B 88 -5.65 2.21 -33.80
CA GLU B 88 -6.55 3.38 -33.85
C GLU B 88 -5.85 4.67 -33.45
N PRO B 89 -6.39 5.82 -33.89
CA PRO B 89 -5.76 7.09 -33.55
C PRO B 89 -6.32 7.64 -32.23
N LEU B 90 -5.53 8.43 -31.51
CA LEU B 90 -6.04 9.17 -30.35
C LEU B 90 -6.74 10.44 -30.83
N GLU B 91 -7.95 10.67 -30.31
CA GLU B 91 -8.73 11.83 -30.69
C GLU B 91 -9.23 12.55 -29.44
N LEU B 92 -8.90 13.83 -29.35
CA LEU B 92 -9.30 14.64 -28.22
C LEU B 92 -10.82 14.73 -28.18
N ASP B 93 -11.40 14.51 -27.02
CA ASP B 93 -12.83 14.63 -26.84
C ASP B 93 -13.15 15.96 -26.13
N GLU B 94 -13.78 16.89 -26.86
CA GLU B 94 -14.08 18.23 -26.38
C GLU B 94 -14.82 18.28 -25.07
N ALA B 95 -15.73 17.35 -24.83
CA ALA B 95 -16.57 17.40 -23.64
C ALA B 95 -15.77 17.08 -22.38
N VAL B 96 -14.96 16.04 -22.46
CA VAL B 96 -14.16 15.62 -21.34
C VAL B 96 -13.12 16.71 -21.04
N LEU B 97 -12.56 17.33 -22.08
CA LEU B 97 -11.66 18.47 -21.89
C LEU B 97 -12.34 19.56 -21.05
N GLY B 98 -13.60 19.87 -21.38
CA GLY B 98 -14.38 20.87 -20.68
C GLY B 98 -14.50 20.48 -19.22
N GLU B 99 -14.62 19.17 -18.97
CA GLU B 99 -14.76 18.73 -17.57
C GLU B 99 -13.45 18.87 -16.84
N ILE B 100 -12.34 18.59 -17.52
CA ILE B 100 -11.03 18.64 -16.87
C ILE B 100 -10.80 20.11 -16.50
N GLU B 101 -11.01 20.99 -17.47
CA GLU B 101 -10.90 22.43 -17.22
C GLU B 101 -11.78 22.84 -16.03
N ALA B 102 -12.98 22.28 -15.93
CA ALA B 102 -13.87 22.72 -14.82
C ALA B 102 -13.31 22.21 -13.48
N PHE B 103 -12.76 21.00 -13.51
CA PHE B 103 -12.12 20.38 -12.38
C PHE B 103 -11.03 21.30 -11.83
N PHE B 104 -10.13 21.77 -12.70
CA PHE B 104 -9.09 22.70 -12.27
C PHE B 104 -9.62 24.05 -11.80
N ARG B 105 -10.62 24.57 -12.51
CA ARG B 105 -11.23 25.86 -12.16
C ARG B 105 -11.82 25.85 -10.76
N ALA B 106 -12.47 24.75 -10.37
CA ALA B 106 -13.05 24.68 -9.02
C ALA B 106 -12.00 24.73 -7.93
N ARG B 107 -10.80 24.26 -8.28
CA ARG B 107 -9.65 24.22 -7.39
C ARG B 107 -8.90 25.55 -7.45
N GLY B 108 -9.46 26.50 -8.17
CA GLY B 108 -8.84 27.81 -8.35
C GLY B 108 -7.62 27.79 -9.22
N ARG B 109 -7.57 26.87 -10.20
CA ARG B 109 -6.42 26.80 -11.11
C ARG B 109 -6.82 26.88 -12.58
N ALA B 110 -5.91 27.36 -13.41
CA ALA B 110 -6.04 27.28 -14.87
C ALA B 110 -5.61 25.87 -15.28
N MET B 111 -6.23 25.27 -16.28
CA MET B 111 -5.83 23.90 -16.67
C MET B 111 -4.50 23.88 -17.42
N PRO B 112 -3.53 23.13 -16.90
CA PRO B 112 -2.22 23.02 -17.57
C PRO B 112 -2.32 22.33 -18.95
N GLU B 113 -1.50 22.77 -19.89
CA GLU B 113 -1.47 22.17 -21.21
C GLU B 113 -1.36 20.64 -21.10
N ALA B 114 -0.43 20.15 -20.28
CA ALA B 114 -0.15 18.72 -20.21
C ALA B 114 -1.40 17.85 -19.96
N ASN B 115 -2.36 18.37 -19.20
CA ASN B 115 -3.53 17.59 -18.86
C ASN B 115 -4.46 17.35 -20.01
N ARG B 116 -4.28 18.09 -21.11
CA ARG B 116 -5.16 17.96 -22.26
C ARG B 116 -5.09 16.53 -22.77
N LYS B 117 -3.91 15.94 -22.73
CA LYS B 117 -3.75 14.60 -23.32
C LYS B 117 -4.65 13.58 -22.61
N GLN B 118 -5.18 13.96 -21.48
CA GLN B 118 -5.95 13.05 -20.68
C GLN B 118 -7.39 12.94 -21.14
N ALA B 119 -7.80 13.78 -22.08
CA ALA B 119 -9.14 13.73 -22.60
C ALA B 119 -9.08 13.08 -23.98
N MET B 120 -8.03 12.31 -24.20
CA MET B 120 -7.80 11.69 -25.50
C MET B 120 -8.24 10.24 -25.48
N ARG B 121 -8.92 9.83 -26.54
CA ARG B 121 -9.38 8.46 -26.68
C ARG B 121 -9.38 7.97 -28.14
N ILE B 122 -9.48 6.64 -28.29
CA ILE B 122 -9.60 6.02 -29.62
C ILE B 122 -11.08 5.84 -29.94
N PRO B 123 -11.44 5.86 -31.23
CA PRO B 123 -12.83 5.70 -31.63
C PRO B 123 -13.56 4.58 -30.90
N SER B 124 -12.94 3.41 -30.75
CA SER B 124 -13.66 2.27 -30.17
C SER B 124 -13.91 2.44 -28.67
N ALA B 125 -13.32 3.46 -28.04
CA ALA B 125 -13.43 3.59 -26.57
C ALA B 125 -14.59 4.42 -26.03
N THR B 126 -15.13 3.96 -24.90
CA THR B 126 -16.17 4.60 -24.14
C THR B 126 -15.51 5.08 -22.84
N TRP B 127 -15.89 6.25 -22.30
CA TRP B 127 -15.31 6.76 -21.04
C TRP B 127 -15.89 6.10 -19.85
N LEU B 128 -15.04 5.85 -18.85
CA LEU B 128 -15.44 5.42 -17.54
C LEU B 128 -15.12 6.58 -16.62
N LYS B 129 -16.14 7.16 -16.02
CA LYS B 129 -15.98 8.46 -15.39
C LYS B 129 -15.19 8.30 -14.11
N ASN B 130 -14.37 9.29 -13.82
CA ASN B 130 -13.51 9.23 -12.64
C ASN B 130 -13.82 10.39 -11.67
N PRO B 131 -14.84 10.22 -10.82
CA PRO B 131 -15.15 11.40 -9.99
C PRO B 131 -14.01 11.71 -9.03
N ARG B 132 -12.88 11.00 -9.17
CA ARG B 132 -11.76 11.07 -8.22
C ARG B 132 -10.43 11.61 -8.79
N GLY B 133 -10.46 12.18 -9.99
CA GLY B 133 -9.26 12.70 -10.63
C GLY B 133 -9.59 13.42 -11.91
N THR B 134 -8.57 13.59 -12.74
CA THR B 134 -8.79 14.15 -14.06
C THR B 134 -8.53 13.10 -15.12
N ALA B 135 -8.17 11.91 -14.69
CA ALA B 135 -7.98 10.87 -15.65
C ALA B 135 -9.19 9.93 -15.60
N PRO B 136 -10.12 10.09 -16.56
CA PRO B 136 -11.13 9.06 -16.63
C PRO B 136 -10.55 7.86 -17.42
N GLY B 137 -11.13 6.67 -17.22
CA GLY B 137 -10.71 5.46 -17.90
C GLY B 137 -11.41 5.16 -19.23
N TRP B 138 -11.13 3.97 -19.77
CA TRP B 138 -11.66 3.53 -21.08
C TRP B 138 -12.31 2.20 -20.92
N TRP B 139 -13.27 1.96 -21.79
CA TRP B 139 -13.79 0.63 -22.00
C TRP B 139 -13.93 0.50 -23.48
N VAL B 140 -13.16 -0.43 -24.05
CA VAL B 140 -13.23 -0.76 -25.45
C VAL B 140 -13.93 -2.09 -25.62
N ARG B 141 -15.03 -2.07 -26.35
CA ARG B 141 -15.67 -3.32 -26.80
C ARG B 141 -15.38 -3.41 -28.27
N LYS B 142 -14.71 -4.49 -28.69
CA LYS B 142 -14.22 -4.66 -30.06
C LYS B 142 -14.03 -6.14 -30.35
N GLY B 143 -14.49 -6.58 -31.51
CA GLY B 143 -14.51 -8.00 -31.87
C GLY B 143 -15.00 -8.90 -30.76
N GLY B 144 -16.03 -8.49 -30.02
CA GLY B 144 -16.58 -9.32 -28.95
C GLY B 144 -15.68 -9.43 -27.73
N LYS B 145 -14.57 -8.67 -27.74
CA LYS B 145 -13.66 -8.66 -26.57
C LYS B 145 -13.76 -7.31 -25.87
N ASP B 146 -13.28 -7.29 -24.62
CA ASP B 146 -13.28 -6.08 -23.79
C ASP B 146 -11.89 -5.71 -23.33
N LEU B 147 -11.55 -4.43 -23.48
CA LEU B 147 -10.34 -3.92 -22.91
C LEU B 147 -10.70 -2.72 -22.00
N VAL B 148 -10.25 -2.78 -20.75
CA VAL B 148 -10.56 -1.74 -19.77
C VAL B 148 -9.27 -1.12 -19.27
N LEU B 149 -9.10 0.20 -19.50
CA LEU B 149 -7.94 0.95 -18.96
C LEU B 149 -8.35 1.60 -17.66
N LEU B 150 -7.58 1.35 -16.60
CA LEU B 150 -7.87 1.96 -15.31
C LEU B 150 -6.72 2.81 -14.76
N PRO B 151 -7.06 3.87 -13.99
CA PRO B 151 -6.01 4.65 -13.33
C PRO B 151 -5.30 3.75 -12.33
N GLY B 152 -4.08 4.11 -11.96
CA GLY B 152 -3.26 3.32 -11.01
C GLY B 152 -3.70 3.28 -9.52
N PRO B 153 -3.98 4.46 -8.91
CA PRO B 153 -4.30 4.42 -7.45
C PRO B 153 -5.60 3.66 -7.12
N PRO B 154 -5.55 2.71 -6.19
CA PRO B 154 -6.77 1.93 -5.89
C PRO B 154 -8.00 2.76 -5.45
N PRO B 155 -7.79 3.88 -4.73
CA PRO B 155 -8.98 4.66 -4.36
C PRO B 155 -9.65 5.18 -5.60
N GLU B 156 -8.97 5.12 -6.73
CA GLU B 156 -9.48 5.72 -7.95
C GLU B 156 -10.16 4.72 -8.88
N TRP B 157 -9.57 3.55 -9.04
CA TRP B 157 -10.08 2.59 -10.03
C TRP B 157 -11.13 1.65 -9.48
N ARG B 158 -11.04 1.38 -8.19
CA ARG B 158 -11.97 0.49 -7.52
C ARG B 158 -13.43 0.75 -7.78
N PRO B 159 -13.88 2.00 -7.55
CA PRO B 159 -15.27 2.29 -7.88
C PRO B 159 -15.52 2.17 -9.37
N MET B 160 -14.52 2.47 -10.20
CA MET B 160 -14.73 2.41 -11.67
C MET B 160 -14.93 0.95 -12.08
N TRP B 161 -14.16 0.09 -11.44
CA TRP B 161 -14.08 -1.33 -11.75
C TRP B 161 -15.31 -2.01 -11.21
N GLN B 162 -15.68 -1.68 -9.97
CA GLN B 162 -16.89 -2.22 -9.38
C GLN B 162 -18.09 -1.97 -10.31
N GLU B 163 -18.18 -0.76 -10.83
CA GLU B 163 -19.25 -0.32 -11.70
C GLU B 163 -19.25 -1.01 -13.06
N VAL B 164 -18.09 -1.13 -13.70
CA VAL B 164 -18.06 -1.65 -15.08
C VAL B 164 -18.14 -3.18 -15.16
N LEU B 165 -17.58 -3.87 -14.16
CA LEU B 165 -17.45 -5.33 -14.19
C LEU B 165 -18.73 -6.14 -14.56
N PRO B 166 -19.89 -5.86 -13.92
CA PRO B 166 -21.14 -6.50 -14.39
C PRO B 166 -21.57 -6.13 -15.80
N ARG B 167 -21.20 -4.96 -16.28
CA ARG B 167 -21.60 -4.54 -17.62
C ARG B 167 -20.86 -5.24 -18.74
N LEU B 168 -19.78 -5.95 -18.42
CA LEU B 168 -18.93 -6.55 -19.47
C LEU B 168 -19.52 -7.78 -20.15
N GLY B 169 -20.52 -8.37 -19.49
CA GLY B 169 -21.24 -9.52 -20.04
C GLY B 169 -20.42 -10.80 -20.03
N LEU B 170 -19.55 -10.92 -19.04
CA LEU B 170 -18.74 -12.11 -18.86
C LEU B 170 -19.59 -13.26 -18.32
N PRO B 171 -19.24 -14.51 -18.68
CA PRO B 171 -19.95 -15.70 -18.19
C PRO B 171 -19.70 -15.89 -16.70
N ARG B 172 -20.76 -16.20 -15.96
CA ARG B 172 -20.68 -16.29 -14.50
C ARG B 172 -20.33 -17.72 -14.08
N ARG B 173 -19.73 -17.86 -12.91
CA ARG B 173 -19.69 -19.17 -12.24
C ARG B 173 -19.98 -18.95 -10.76
N PRO B 174 -20.63 -19.94 -10.11
CA PRO B 174 -21.03 -19.75 -8.71
C PRO B 174 -19.86 -19.93 -7.75
N TYR B 175 -19.11 -18.86 -7.59
CA TYR B 175 -18.02 -18.79 -6.64
C TYR B 175 -18.43 -17.79 -5.56
N ALA B 176 -17.98 -18.02 -4.35
CA ALA B 176 -18.18 -17.05 -3.25
C ALA B 176 -17.03 -17.13 -2.23
N GLU B 177 -16.84 -16.03 -1.49
CA GLU B 177 -15.92 -15.97 -0.33
C GLU B 177 -16.63 -15.40 0.88
N ARG B 178 -16.42 -16.03 2.01
CA ARG B 178 -16.95 -15.54 3.27
C ARG B 178 -15.78 -15.38 4.19
N VAL B 179 -15.65 -14.20 4.78
CA VAL B 179 -14.55 -13.93 5.68
C VAL B 179 -15.15 -13.74 7.07
N LEU B 180 -14.63 -14.51 8.03
CA LEU B 180 -15.05 -14.45 9.42
C LEU B 180 -13.91 -13.85 10.23
N LYS B 181 -14.22 -12.79 10.96
CA LYS B 181 -13.17 -12.05 11.61
C LYS B 181 -13.22 -12.27 13.11
N THR B 182 -12.17 -12.88 13.65
CA THR B 182 -12.13 -13.22 15.05
C THR B 182 -11.12 -12.35 15.78
N TRP B 183 -11.21 -12.41 17.10
CA TRP B 183 -10.24 -11.76 17.95
C TRP B 183 -9.93 -12.64 19.14
N GLY B 184 -8.69 -12.58 19.60
CA GLY B 184 -8.30 -13.23 20.86
C GLY B 184 -8.18 -14.74 20.84
N ILE B 185 -7.86 -15.32 19.68
CA ILE B 185 -7.69 -16.78 19.57
C ILE B 185 -6.73 -17.08 18.42
N GLY B 186 -5.70 -17.89 18.69
CA GLY B 186 -4.70 -18.23 17.66
C GLY B 186 -5.21 -19.21 16.59
N GLU B 187 -4.44 -19.36 15.52
CA GLU B 187 -4.80 -20.27 14.41
C GLU B 187 -5.02 -21.71 14.88
N SER B 188 -4.02 -22.22 15.60
CA SER B 188 -4.03 -23.56 16.22
C SER B 188 -5.32 -23.88 16.91
N GLU B 189 -5.71 -23.05 17.86
CA GLU B 189 -6.91 -23.33 18.65
C GLU B 189 -8.13 -23.27 17.77
N ILE B 190 -8.06 -22.50 16.69
CA ILE B 190 -9.13 -22.45 15.69
C ILE B 190 -9.19 -23.77 14.90
N VAL B 191 -8.09 -24.15 14.27
CA VAL B 191 -7.98 -25.48 13.68
C VAL B 191 -8.86 -26.50 14.44
N GLU B 192 -8.77 -26.51 15.76
CA GLU B 192 -9.48 -27.50 16.55
C GLU B 192 -10.98 -27.27 16.72
N VAL B 204 -14.81 -26.04 -2.36
CA VAL B 204 -14.78 -25.36 -1.07
C VAL B 204 -13.50 -25.61 -0.26
N GLU B 205 -13.01 -24.58 0.43
CA GLU B 205 -11.82 -24.69 1.27
C GLU B 205 -11.79 -23.62 2.35
N VAL B 206 -11.21 -23.98 3.49
CA VAL B 206 -11.16 -23.14 4.65
C VAL B 206 -9.70 -22.86 4.96
N GLY B 207 -9.42 -21.62 5.32
CA GLY B 207 -8.08 -21.15 5.64
C GLY B 207 -8.18 -20.14 6.77
N THR B 208 -7.05 -19.86 7.43
CA THR B 208 -7.01 -18.91 8.52
C THR B 208 -5.88 -17.95 8.25
N TYR B 209 -6.16 -16.67 8.40
CA TYR B 209 -5.22 -15.65 8.03
C TYR B 209 -5.02 -14.74 9.24
N PRO B 210 -3.84 -14.81 9.86
CA PRO B 210 -3.53 -13.98 11.01
C PRO B 210 -3.40 -12.53 10.55
N LYS B 211 -4.08 -11.63 11.23
CA LYS B 211 -3.96 -10.19 10.93
C LYS B 211 -3.77 -9.37 12.19
N VAL B 212 -3.50 -8.09 12.00
CA VAL B 212 -3.33 -7.22 13.14
C VAL B 212 -4.66 -7.06 13.90
N HIS B 213 -5.77 -7.21 13.19
CA HIS B 213 -7.11 -7.14 13.80
C HIS B 213 -7.65 -8.51 14.19
N GLY B 214 -6.76 -9.52 14.29
CA GLY B 214 -7.17 -10.87 14.70
C GLY B 214 -7.14 -11.86 13.55
N VAL B 215 -7.45 -13.12 13.84
CA VAL B 215 -7.40 -14.17 12.82
C VAL B 215 -8.69 -14.23 12.00
N GLU B 216 -8.55 -14.08 10.70
CA GLU B 216 -9.65 -14.25 9.78
C GLU B 216 -9.76 -15.73 9.41
N VAL B 217 -11.00 -16.23 9.36
CA VAL B 217 -11.28 -17.56 8.82
C VAL B 217 -11.98 -17.38 7.49
N VAL B 218 -11.27 -17.66 6.39
CA VAL B 218 -11.85 -17.55 5.05
C VAL B 218 -12.40 -18.89 4.55
N VAL B 219 -13.67 -18.91 4.15
CA VAL B 219 -14.27 -20.07 3.47
C VAL B 219 -14.56 -19.72 2.01
N ARG B 220 -14.00 -20.48 1.07
CA ARG B 220 -14.17 -20.12 -0.35
C ARG B 220 -14.28 -21.28 -1.32
N GLY B 221 -14.92 -21.04 -2.46
CA GLY B 221 -15.22 -22.09 -3.41
C GLY B 221 -16.61 -21.92 -3.98
N ARG B 222 -17.36 -23.02 -4.04
CA ARG B 222 -18.64 -23.01 -4.73
C ARG B 222 -19.67 -22.48 -3.77
N GLU B 223 -20.22 -21.34 -4.16
CA GLU B 223 -21.16 -20.56 -3.35
C GLU B 223 -22.11 -21.37 -2.45
N ASP B 224 -22.68 -22.45 -2.98
CA ASP B 224 -23.56 -23.31 -2.15
C ASP B 224 -22.82 -23.87 -0.92
N ARG B 225 -21.69 -24.52 -1.19
CA ARG B 225 -20.82 -25.09 -0.18
C ARG B 225 -20.27 -24.07 0.78
N VAL B 226 -19.78 -22.95 0.24
CA VAL B 226 -19.26 -21.84 1.04
C VAL B 226 -20.27 -21.36 2.08
N ALA B 227 -21.50 -21.09 1.67
CA ALA B 227 -22.52 -20.55 2.57
C ALA B 227 -22.95 -21.55 3.66
N GLU B 228 -23.11 -22.81 3.29
CA GLU B 228 -23.46 -23.81 4.28
C GLU B 228 -22.34 -23.96 5.29
N LEU B 229 -21.14 -24.26 4.80
CA LEU B 229 -20.00 -24.53 5.68
C LEU B 229 -19.61 -23.35 6.57
N ALA B 230 -19.71 -22.14 6.05
CA ALA B 230 -19.32 -20.96 6.83
C ALA B 230 -20.30 -20.64 7.95
N GLU B 231 -21.53 -21.17 7.84
CA GLU B 231 -22.52 -20.99 8.91
C GLU B 231 -22.25 -21.93 10.09
N ARG B 232 -21.67 -23.08 9.77
CA ARG B 232 -21.26 -24.09 10.76
C ARG B 232 -19.95 -23.68 11.43
N ILE B 233 -19.04 -23.08 10.66
CA ILE B 233 -17.81 -22.48 11.22
C ILE B 233 -18.13 -21.30 12.14
N LYS B 234 -19.08 -20.46 11.71
CA LYS B 234 -19.52 -19.35 12.54
C LYS B 234 -20.12 -19.88 13.85
N LYS B 235 -20.85 -20.99 13.76
CA LYS B 235 -21.37 -21.70 14.93
C LYS B 235 -20.24 -22.11 15.88
N LYS B 236 -19.25 -22.81 15.33
CA LYS B 236 -18.10 -23.32 16.10
C LYS B 236 -17.25 -22.19 16.74
N LEU B 237 -17.34 -20.98 16.21
CA LEU B 237 -16.56 -19.85 16.73
C LEU B 237 -17.48 -18.72 17.09
N LEU B 238 -18.69 -19.05 17.53
CA LEU B 238 -19.68 -18.01 17.79
C LEU B 238 -19.16 -16.90 18.70
N LYS B 239 -18.53 -17.25 19.80
CA LYS B 239 -18.12 -16.21 20.73
C LYS B 239 -16.85 -15.45 20.33
N GLU B 240 -16.09 -15.98 19.38
CA GLU B 240 -14.86 -15.28 18.96
C GLU B 240 -15.01 -14.37 17.72
N VAL B 241 -16.05 -14.61 16.91
CA VAL B 241 -16.28 -13.85 15.68
C VAL B 241 -16.92 -12.51 16.01
N TRP B 242 -16.25 -11.41 15.68
CA TRP B 242 -16.83 -10.07 15.89
C TRP B 242 -17.37 -9.44 14.63
N GLY B 243 -17.03 -9.99 13.46
CA GLY B 243 -17.59 -9.43 12.23
C GLY B 243 -17.35 -10.30 11.01
N GLU B 244 -17.87 -9.85 9.86
CA GLU B 244 -17.76 -10.58 8.61
C GLU B 244 -17.55 -9.61 7.44
N GLY B 245 -17.04 -10.15 6.33
CA GLY B 245 -16.92 -9.40 5.09
C GLY B 245 -16.23 -8.10 5.35
N GLU B 246 -16.93 -7.02 5.04
CA GLU B 246 -16.35 -5.67 5.12
C GLU B 246 -16.30 -5.11 6.53
N MET B 247 -17.00 -5.71 7.48
CA MET B 247 -17.02 -5.19 8.85
C MET B 247 -15.59 -5.00 9.38
N THR B 248 -15.36 -3.88 10.04
CA THR B 248 -14.11 -3.62 10.76
C THR B 248 -14.51 -3.31 12.19
N LEU B 249 -13.52 -3.35 13.08
CA LEU B 249 -13.74 -3.10 14.52
C LEU B 249 -14.30 -1.68 14.74
N ALA B 250 -13.71 -0.71 14.03
CA ALA B 250 -14.13 0.70 14.14
C ALA B 250 -15.60 0.85 13.72
N GLU B 251 -16.00 0.10 12.70
CA GLU B 251 -17.40 0.13 12.27
C GLU B 251 -18.31 -0.62 13.25
N ALA B 252 -17.84 -1.74 13.80
CA ALA B 252 -18.56 -2.39 14.92
C ALA B 252 -18.76 -1.43 16.11
N VAL B 253 -17.72 -0.67 16.42
CA VAL B 253 -17.78 0.26 17.52
C VAL B 253 -18.83 1.31 17.17
N LYS B 254 -18.80 1.79 15.93
CA LYS B 254 -19.79 2.77 15.50
C LYS B 254 -21.23 2.24 15.63
N ARG B 255 -21.48 0.99 15.27
CA ARG B 255 -22.82 0.40 15.39
C ARG B 255 -23.26 0.32 16.88
N ARG B 256 -22.34 -0.01 17.78
CA ARG B 256 -22.71 -0.02 19.21
C ARG B 256 -23.07 1.39 19.69
N MET B 257 -22.19 2.35 19.45
CA MET B 257 -22.45 3.71 19.88
C MET B 257 -23.81 4.20 19.38
N GLU B 258 -24.08 3.99 18.10
CA GLU B 258 -25.39 4.39 17.52
C GLU B 258 -26.58 3.70 18.15
N ARG B 259 -26.48 2.39 18.39
CA ARG B 259 -27.55 1.63 19.02
C ARG B 259 -27.84 2.17 20.42
N GLU B 260 -26.81 2.52 21.18
CA GLU B 260 -27.02 3.00 22.54
C GLU B 260 -27.26 4.49 22.60
N GLY B 261 -27.10 5.17 21.48
CA GLY B 261 -27.03 6.64 21.45
C GLY B 261 -25.91 7.14 22.37
N ALA B 262 -24.76 6.47 22.34
CA ALA B 262 -23.67 6.83 23.25
C ALA B 262 -22.53 7.55 22.55
N THR B 263 -21.67 8.19 23.34
CA THR B 263 -20.49 8.82 22.79
C THR B 263 -19.18 8.17 23.25
N LEU B 264 -18.09 8.55 22.56
CA LEU B 264 -16.76 8.01 22.76
C LEU B 264 -15.66 9.10 22.73
N SER B 265 -14.61 8.90 23.51
CA SER B 265 -13.43 9.76 23.48
C SER B 265 -12.22 8.88 23.77
N THR B 266 -11.00 9.38 23.56
CA THR B 266 -9.80 8.53 23.75
C THR B 266 -8.68 9.35 24.33
N MET B 267 -7.76 8.69 25.05
CA MET B 267 -6.47 9.30 25.37
C MET B 267 -5.43 8.23 25.07
N GLU B 268 -4.42 8.58 24.29
CA GLU B 268 -3.46 7.62 23.76
C GLU B 268 -2.04 8.05 24.04
N SER B 269 -1.19 7.09 24.42
CA SER B 269 0.24 7.39 24.42
C SER B 269 0.97 6.72 23.23
N LEU B 270 1.34 5.46 23.38
CA LEU B 270 2.16 4.81 22.38
C LEU B 270 1.53 4.86 20.99
N THR B 271 0.20 4.71 20.90
CA THR B 271 -0.47 4.71 19.57
C THR B 271 -0.45 6.05 18.89
N GLY B 272 -0.21 7.12 19.63
CA GLY B 272 0.17 8.39 19.00
C GLY B 272 -0.92 9.10 18.21
N GLY B 273 -2.17 8.65 18.32
CA GLY B 273 -3.23 9.25 17.55
C GLY B 273 -3.86 8.27 16.59
N LEU B 274 -3.20 7.12 16.39
CA LEU B 274 -3.69 6.07 15.49
C LEU B 274 -5.04 5.51 15.89
N LEU B 275 -5.38 5.51 17.18
CA LEU B 275 -6.69 4.98 17.61
C LEU B 275 -7.79 5.98 17.21
N GLY B 276 -7.57 7.25 17.53
CA GLY B 276 -8.44 8.30 17.02
C GLY B 276 -8.55 8.26 15.51
N ALA B 277 -7.42 8.04 14.83
CA ALA B 277 -7.44 7.88 13.37
C ALA B 277 -8.37 6.73 12.93
N GLU B 278 -8.24 5.60 13.57
CA GLU B 278 -8.98 4.43 13.12
C GLU B 278 -10.48 4.57 13.39
N ILE B 279 -10.86 5.18 14.51
CA ILE B 279 -12.26 5.39 14.85
C ILE B 279 -12.86 6.31 13.78
N THR B 280 -12.15 7.39 13.47
CA THR B 280 -12.69 8.37 12.53
C THR B 280 -12.58 8.01 11.03
N ARG B 281 -11.92 6.90 10.72
CA ARG B 281 -11.80 6.45 9.34
C ARG B 281 -13.20 6.21 8.80
N VAL B 282 -14.11 5.76 9.64
CA VAL B 282 -15.47 5.37 9.21
C VAL B 282 -16.41 6.58 9.10
N PRO B 283 -17.05 6.78 7.92
CA PRO B 283 -17.99 7.87 7.72
C PRO B 283 -19.05 7.86 8.81
N GLY B 284 -19.43 9.05 9.28
CA GLY B 284 -20.42 9.22 10.33
C GLY B 284 -19.84 9.17 11.75
N ALA B 285 -18.52 9.08 11.83
CA ALA B 285 -17.84 9.05 13.13
C ALA B 285 -18.17 10.26 14.03
N SER B 286 -18.52 11.40 13.44
CA SER B 286 -18.82 12.57 14.25
C SER B 286 -20.14 12.49 15.01
N ARG B 287 -20.95 11.46 14.77
CA ARG B 287 -22.18 11.30 15.55
C ARG B 287 -21.92 10.75 16.94
N PHE B 288 -20.73 10.21 17.16
CA PHE B 288 -20.49 9.63 18.49
C PHE B 288 -19.12 9.96 19.01
N TYR B 289 -18.15 10.23 18.12
CA TYR B 289 -16.76 10.44 18.56
C TYR B 289 -16.52 11.91 18.85
N LEU B 290 -16.34 12.22 20.13
CA LEU B 290 -16.22 13.61 20.59
C LEU B 290 -14.80 14.15 20.36
N GLY B 291 -13.82 13.25 20.33
CA GLY B 291 -12.42 13.65 20.20
C GLY B 291 -11.50 12.86 21.14
N GLY B 292 -10.23 13.28 21.21
CA GLY B 292 -9.23 12.54 21.97
C GLY B 292 -8.04 13.42 22.34
N VAL B 293 -7.16 12.89 23.18
CA VAL B 293 -5.88 13.51 23.52
C VAL B 293 -4.79 12.48 23.16
N VAL B 294 -3.72 12.96 22.51
CA VAL B 294 -2.50 12.17 22.40
C VAL B 294 -1.58 12.72 23.48
N SER B 295 -1.44 12.00 24.59
CA SER B 295 -0.68 12.48 25.74
C SER B 295 0.69 11.83 25.61
N TYR B 296 1.56 12.51 24.85
CA TYR B 296 2.81 11.89 24.46
C TYR B 296 3.96 12.31 25.36
N SER B 297 3.73 13.26 26.25
CA SER B 297 4.78 13.65 27.18
C SER B 297 4.18 13.59 28.59
N VAL B 298 5.05 13.60 29.59
CA VAL B 298 4.58 13.72 30.98
C VAL B 298 3.76 14.99 31.22
N GLY B 299 4.20 16.09 30.63
CA GLY B 299 3.51 17.37 30.78
C GLY B 299 2.07 17.30 30.24
N ALA B 300 1.90 16.68 29.08
CA ALA B 300 0.58 16.45 28.48
C ALA B 300 -0.31 15.50 29.32
N LYS B 301 0.24 14.37 29.76
CA LYS B 301 -0.49 13.45 30.67
C LYS B 301 -1.04 14.21 31.90
N ALA B 302 -0.17 14.94 32.56
CA ALA B 302 -0.56 15.68 33.77
C ALA B 302 -1.70 16.63 33.44
N ARG B 303 -1.51 17.41 32.38
CA ARG B 303 -2.36 18.54 32.13
C ARG B 303 -3.79 18.08 31.81
N PHE B 304 -3.94 16.87 31.30
CA PHE B 304 -5.26 16.43 30.92
C PHE B 304 -5.87 15.43 31.88
N GLY B 305 -5.29 15.34 33.07
CA GLY B 305 -5.92 14.57 34.15
C GLY B 305 -5.30 13.28 34.66
N VAL B 306 -4.12 12.88 34.17
CA VAL B 306 -3.49 11.70 34.79
C VAL B 306 -2.82 12.10 36.14
N PRO B 307 -3.14 11.42 37.26
CA PRO B 307 -2.55 11.78 38.58
C PRO B 307 -1.02 11.77 38.57
N GLN B 308 -0.43 12.73 39.27
CA GLN B 308 1.00 12.84 39.44
C GLN B 308 1.64 11.54 39.87
N ASP B 309 1.08 10.86 40.87
CA ASP B 309 1.63 9.60 41.42
C ASP B 309 1.90 8.52 40.34
N LEU B 310 1.15 8.60 39.23
CA LEU B 310 1.27 7.56 38.20
C LEU B 310 2.19 7.92 37.03
N LEU B 311 2.64 9.17 37.00
CA LEU B 311 3.37 9.70 35.84
C LEU B 311 4.71 9.04 35.53
N SER B 312 5.42 8.57 36.55
CA SER B 312 6.70 7.85 36.36
C SER B 312 6.50 6.39 35.97
N ARG B 313 5.30 5.83 36.16
CA ARG B 313 5.12 4.47 35.67
C ARG B 313 4.04 4.26 34.60
N THR B 314 4.41 4.53 33.34
CA THR B 314 3.45 4.55 32.25
C THR B 314 3.03 3.17 31.72
N VAL B 315 3.87 2.17 31.95
CA VAL B 315 3.59 0.82 31.49
C VAL B 315 2.95 0.08 32.63
N SER B 316 1.64 0.29 32.78
CA SER B 316 0.90 -0.31 33.89
C SER B 316 -0.60 -0.25 33.65
N ALA B 317 -1.32 -1.16 34.30
CA ALA B 317 -2.77 -1.24 34.19
C ALA B 317 -3.39 0.00 34.84
N GLU B 318 -2.71 0.51 35.89
CA GLU B 318 -3.17 1.68 36.66
C GLU B 318 -3.20 2.94 35.77
N THR B 319 -2.11 3.13 35.02
CA THR B 319 -2.02 4.21 34.05
C THR B 319 -3.09 4.11 32.94
N ALA B 320 -3.27 2.93 32.37
CA ALA B 320 -4.31 2.73 31.38
C ALA B 320 -5.73 3.09 31.93
N ARG B 321 -6.07 2.57 33.11
CA ARG B 321 -7.28 2.96 33.82
C ARG B 321 -7.39 4.47 33.98
N ALA B 322 -6.35 5.11 34.54
CA ALA B 322 -6.41 6.54 34.82
C ALA B 322 -6.56 7.38 33.53
N MET B 323 -5.82 7.05 32.47
CA MET B 323 -6.05 7.68 31.18
C MET B 323 -7.47 7.53 30.64
N ALA B 324 -8.06 6.36 30.77
CA ALA B 324 -9.44 6.17 30.27
C ALA B 324 -10.42 7.06 31.04
N GLU B 325 -10.28 7.07 32.37
CA GLU B 325 -11.08 7.90 33.24
C GLU B 325 -10.86 9.39 32.96
N ALA B 326 -9.61 9.78 32.77
CA ALA B 326 -9.26 11.17 32.51
C ALA B 326 -9.87 11.67 31.20
N ALA B 327 -9.84 10.83 30.16
CA ALA B 327 -10.44 11.18 28.90
C ALA B 327 -11.94 11.30 29.04
N ARG B 328 -12.57 10.32 29.69
CA ARG B 328 -14.02 10.35 29.82
C ARG B 328 -14.47 11.63 30.58
N SER B 329 -13.77 12.01 31.65
CA SER B 329 -14.10 13.22 32.40
C SER B 329 -13.89 14.46 31.56
N LEU B 330 -12.76 14.50 30.86
CA LEU B 330 -12.39 15.63 30.01
C LEU B 330 -13.42 15.90 28.90
N PHE B 331 -13.90 14.85 28.25
CA PHE B 331 -14.81 15.04 27.11
C PHE B 331 -16.27 14.82 27.48
N GLY B 332 -16.51 14.21 28.64
CA GLY B 332 -17.86 13.94 29.07
C GLY B 332 -18.51 12.90 28.20
N SER B 333 -17.75 11.87 27.76
CA SER B 333 -18.31 10.89 26.83
C SER B 333 -18.84 9.70 27.62
N THR B 334 -19.79 8.97 27.06
CA THR B 334 -20.30 7.76 27.71
C THR B 334 -19.16 6.79 28.03
N TYR B 335 -18.32 6.57 27.02
CA TYR B 335 -17.27 5.60 27.09
C TYR B 335 -15.96 6.32 26.74
N ALA B 336 -14.84 5.79 27.23
CA ALA B 336 -13.53 6.30 26.79
C ALA B 336 -12.52 5.18 26.77
N LEU B 337 -11.67 5.19 25.75
CA LEU B 337 -10.64 4.18 25.55
C LEU B 337 -9.26 4.82 25.79
N ALA B 338 -8.32 4.04 26.28
CA ALA B 338 -6.93 4.48 26.43
C ALA B 338 -5.92 3.39 26.04
N THR B 339 -4.74 3.83 25.60
CA THR B 339 -3.66 2.93 25.28
C THR B 339 -2.35 3.42 25.91
N THR B 340 -1.62 2.52 26.54
CA THR B 340 -0.31 2.85 27.02
C THR B 340 0.55 1.59 26.95
N GLY B 341 1.88 1.77 26.85
CA GLY B 341 2.81 0.66 26.87
C GLY B 341 4.01 0.90 25.96
N VAL B 342 4.67 -0.18 25.57
CA VAL B 342 5.97 -0.14 24.88
C VAL B 342 5.83 -0.52 23.37
N ALA B 343 6.02 0.45 22.49
CA ALA B 343 5.86 0.20 21.05
C ALA B 343 7.07 -0.48 20.49
N GLY B 344 8.24 -0.21 21.08
CA GLY B 344 9.53 -0.52 20.45
C GLY B 344 10.09 0.67 19.67
N PRO B 345 11.36 0.61 19.29
CA PRO B 345 12.21 -0.58 19.39
C PRO B 345 12.88 -0.73 20.76
N ASP B 346 12.77 0.29 21.61
CA ASP B 346 13.43 0.23 22.92
C ASP B 346 12.50 -0.29 23.99
N PRO B 347 13.02 -1.02 24.99
CA PRO B 347 12.25 -1.32 26.19
C PRO B 347 11.96 -0.02 26.94
N LEU B 348 11.06 -0.05 27.91
CA LEU B 348 10.74 1.12 28.69
C LEU B 348 10.30 0.60 30.05
N GLU B 349 10.86 1.19 31.11
CA GLU B 349 10.61 0.78 32.49
C GLU B 349 10.82 -0.73 32.70
N GLY B 350 11.89 -1.26 32.10
CA GLY B 350 12.21 -2.69 32.22
C GLY B 350 11.22 -3.59 31.51
N GLU B 351 10.28 -3.01 30.76
CA GLU B 351 9.32 -3.83 30.01
C GLU B 351 9.68 -3.90 28.51
N PRO B 352 9.54 -5.10 27.92
CA PRO B 352 9.86 -5.22 26.50
C PRO B 352 8.84 -4.58 25.56
N PRO B 353 9.30 -4.24 24.36
CA PRO B 353 8.42 -3.84 23.25
C PRO B 353 7.22 -4.77 23.10
N GLY B 354 6.04 -4.23 22.87
CA GLY B 354 4.85 -5.06 22.77
C GLY B 354 4.09 -5.27 24.08
N THR B 355 4.64 -4.78 25.19
CA THR B 355 3.94 -4.87 26.50
C THR B 355 2.94 -3.72 26.46
N VAL B 356 1.65 -4.01 26.40
CA VAL B 356 0.64 -2.96 26.16
C VAL B 356 -0.57 -3.12 27.07
N TYR B 357 -1.03 -2.02 27.64
CA TYR B 357 -2.31 -2.02 28.37
C TYR B 357 -3.36 -1.16 27.67
N VAL B 358 -4.54 -1.74 27.42
CA VAL B 358 -5.64 -0.99 26.86
C VAL B 358 -6.72 -0.89 27.96
N ALA B 359 -7.46 0.23 27.98
CA ALA B 359 -8.53 0.44 28.99
C ALA B 359 -9.83 1.00 28.39
N LEU B 360 -10.97 0.62 28.95
CA LEU B 360 -12.27 1.19 28.66
C LEU B 360 -12.94 1.70 29.95
N ALA B 361 -13.25 3.00 30.01
CA ALA B 361 -13.98 3.57 31.14
C ALA B 361 -15.38 3.84 30.64
N GLY B 362 -16.40 3.52 31.44
CA GLY B 362 -17.76 3.67 31.00
C GLY B 362 -18.61 3.86 32.25
N PRO B 363 -19.92 3.82 32.11
CA PRO B 363 -20.84 4.13 33.20
C PRO B 363 -20.60 3.30 34.45
N THR B 364 -20.17 2.03 34.33
CA THR B 364 -20.04 1.14 35.50
C THR B 364 -18.60 0.96 35.96
N GLY B 365 -17.69 1.70 35.36
CA GLY B 365 -16.33 1.65 35.80
C GLY B 365 -15.41 1.36 34.64
N ALA B 366 -14.21 0.91 34.95
CA ALA B 366 -13.20 0.73 33.95
C ALA B 366 -12.76 -0.71 33.87
N GLU B 367 -12.34 -1.13 32.69
CA GLU B 367 -11.66 -2.42 32.56
C GLU B 367 -10.36 -2.28 31.74
N VAL B 368 -9.38 -3.10 32.09
CA VAL B 368 -8.05 -3.04 31.51
C VAL B 368 -7.69 -4.43 31.04
N ARG B 369 -7.08 -4.51 29.87
CA ARG B 369 -6.54 -5.75 29.34
C ARG B 369 -5.04 -5.59 29.04
N ARG B 370 -4.22 -6.51 29.54
CA ARG B 370 -2.78 -6.52 29.21
C ARG B 370 -2.49 -7.43 28.00
N TYR B 371 -1.66 -6.96 27.09
CA TYR B 371 -1.22 -7.74 25.95
C TYR B 371 0.29 -7.76 25.91
N ARG B 372 0.84 -8.82 25.33
CA ARG B 372 2.26 -8.92 24.97
C ARG B 372 2.30 -9.22 23.47
N PHE B 373 2.48 -8.19 22.66
CA PHE B 373 2.25 -8.31 21.22
C PHE B 373 3.58 -8.53 20.53
N PRO B 374 3.64 -9.51 19.59
CA PRO B 374 4.83 -9.62 18.75
C PRO B 374 4.77 -8.56 17.65
N GLY B 375 5.93 -8.23 17.08
CA GLY B 375 5.96 -7.41 15.90
C GLY B 375 6.84 -6.20 16.08
N ASP B 376 7.07 -5.49 14.98
CA ASP B 376 7.86 -4.27 15.04
C ASP B 376 7.04 -3.07 15.56
N ARG B 377 7.65 -1.90 15.66
CA ARG B 377 6.99 -0.70 16.24
C ARG B 377 5.63 -0.39 15.62
N GLU B 378 5.58 -0.30 14.30
CA GLU B 378 4.33 -0.03 13.63
C GLU B 378 3.29 -1.12 13.85
N THR B 379 3.75 -2.37 13.91
CA THR B 379 2.81 -3.48 14.11
C THR B 379 2.22 -3.41 15.51
N VAL B 380 3.06 -3.16 16.51
CA VAL B 380 2.59 -3.11 17.91
C VAL B 380 1.56 -1.97 18.10
N ARG B 381 1.81 -0.84 17.44
CA ARG B 381 0.88 0.29 17.44
C ARG B 381 -0.48 -0.10 16.91
N LEU B 382 -0.47 -0.74 15.74
CA LEU B 382 -1.69 -1.19 15.10
C LEU B 382 -2.43 -2.20 15.94
N ARG B 383 -1.73 -3.20 16.47
CA ARG B 383 -2.45 -4.21 17.25
C ARG B 383 -3.03 -3.52 18.50
N SER B 384 -2.34 -2.48 18.99
CA SER B 384 -2.79 -1.78 20.21
C SER B 384 -4.12 -1.08 19.95
N VAL B 385 -4.21 -0.50 18.76
CA VAL B 385 -5.44 0.19 18.32
C VAL B 385 -6.64 -0.77 18.31
N TYR B 386 -6.45 -1.94 17.72
CA TYR B 386 -7.51 -2.93 17.64
C TYR B 386 -7.85 -3.53 18.98
N ALA B 387 -6.84 -3.72 19.84
CA ALA B 387 -7.04 -4.25 21.18
C ALA B 387 -7.98 -3.33 21.99
N ALA B 388 -7.78 -2.02 21.79
CA ALA B 388 -8.61 -0.98 22.43
C ALA B 388 -10.03 -1.04 21.91
N LEU B 389 -10.18 -1.04 20.58
CA LEU B 389 -11.51 -1.12 19.99
C LEU B 389 -12.24 -2.41 20.42
N ALA B 390 -11.50 -3.51 20.45
CA ALA B 390 -12.05 -4.80 20.84
C ALA B 390 -12.67 -4.84 22.25
N LEU B 391 -12.22 -3.97 23.14
CA LEU B 391 -12.83 -3.86 24.48
C LEU B 391 -14.33 -3.58 24.38
N LEU B 392 -14.70 -2.90 23.29
CA LEU B 392 -16.08 -2.48 23.12
C LEU B 392 -16.93 -3.45 22.34
N VAL B 393 -16.30 -4.34 21.59
CA VAL B 393 -17.05 -5.14 20.64
C VAL B 393 -16.72 -6.61 20.66
N THR B 394 -15.99 -7.05 21.68
CA THR B 394 -15.74 -8.47 21.90
C THR B 394 -15.95 -8.77 23.37
P AMP C . 7.58 -23.52 -2.34
O1P AMP C . 8.69 -24.40 -1.74
O2P AMP C . 6.25 -24.24 -2.51
O3P AMP C . 8.01 -22.61 -3.50
O5' AMP C . 7.24 -22.47 -1.14
C5' AMP C . 6.59 -21.26 -1.46
C4' AMP C . 6.93 -20.27 -0.37
O4' AMP C . 8.05 -19.41 -0.68
C3' AMP C . 5.70 -19.39 -0.21
O3' AMP C . 4.92 -20.02 0.81
C2' AMP C . 6.32 -18.06 0.15
O2' AMP C . 6.76 -18.18 1.50
C1' AMP C . 7.60 -18.02 -0.68
N9 AMP C . 7.46 -17.52 -2.10
C8 AMP C . 7.23 -18.27 -3.22
N7 AMP C . 7.21 -17.50 -4.35
C5 AMP C . 7.44 -16.23 -3.96
C6 AMP C . 7.55 -14.90 -4.62
N6 AMP C . 7.43 -14.73 -5.94
N1 AMP C . 7.81 -13.81 -3.85
C2 AMP C . 7.96 -13.91 -2.51
N3 AMP C . 7.89 -15.09 -1.83
C4 AMP C . 7.61 -16.25 -2.49
S SO4 D . 9.41 7.53 20.92
O1 SO4 D . 10.17 6.47 20.21
O2 SO4 D . 8.65 6.95 22.02
O3 SO4 D . 8.49 8.13 19.90
O4 SO4 D . 10.29 8.58 21.41
C1 GOL E . -16.46 15.72 7.02
O1 GOL E . -15.01 15.68 6.96
C2 GOL E . -17.07 14.74 6.00
O2 GOL E . -16.89 15.30 4.70
C3 GOL E . -18.56 14.35 6.20
O3 GOL E . -18.87 13.23 5.33
C1 GOL F . -15.65 16.12 10.93
O1 GOL F . -17.05 16.13 10.65
C2 GOL F . -15.48 17.12 12.06
O2 GOL F . -16.09 18.37 11.77
C3 GOL F . -14.00 17.36 12.25
O3 GOL F . -13.82 17.81 13.60
NA NA G . -7.87 35.55 11.57
S SO4 H . -17.87 12.30 9.88
O1 SO4 H . -17.61 13.73 9.72
O2 SO4 H . -17.97 11.69 8.53
O3 SO4 H . -19.09 12.07 10.66
O4 SO4 H . -16.77 11.65 10.62
C1 GOL I . 10.16 3.68 21.83
O1 GOL I . 11.38 2.98 21.43
C2 GOL I . 9.50 3.05 23.07
O2 GOL I . 9.33 1.65 22.83
C3 GOL I . 8.20 3.78 23.43
O3 GOL I . 6.99 3.05 23.10
C1 GOL J . -2.85 17.81 -7.28
O1 GOL J . -1.67 18.21 -6.60
C2 GOL J . -2.40 17.92 -8.73
O2 GOL J . -2.19 19.29 -9.05
C3 GOL J . -3.45 17.44 -9.70
O3 GOL J . -2.92 18.00 -10.91
C1 GOL K . -3.59 -9.61 16.61
O1 GOL K . -3.16 -8.26 16.88
C2 GOL K . -4.67 -10.04 17.60
O2 GOL K . -4.09 -10.35 18.87
C3 GOL K . -5.28 -11.37 17.20
O3 GOL K . -6.15 -11.72 18.30
C1 GOL L . -6.51 -1.21 39.10
O1 GOL L . -5.89 0.00 38.63
C2 GOL L . -6.00 -2.31 38.20
O2 GOL L . -4.87 -1.73 37.55
C3 GOL L . -7.08 -2.61 37.18
O3 GOL L . -6.71 -3.79 36.43
#